data_8PFB
#
_entry.id   8PFB
#
_cell.length_a   1.00
_cell.length_b   1.00
_cell.length_c   1.00
_cell.angle_alpha   90.00
_cell.angle_beta   90.00
_cell.angle_gamma   90.00
#
_symmetry.space_group_name_H-M   'P 1'
#
_entity_poly.entity_id   1
_entity_poly.type   'polypeptide(L)'
_entity_poly.pdbx_seq_one_letter_code
;FTLVELIVVIIIIAIIAAVAIPAITSFQDNARKSRIQSEHRELVSAIQSYIGAQDDPTNPSEITLAKLAPYMSKNAKNED
GIVNSLAKDKSGNSSTSAPGSAHQIDTTNHKLISTFTPSNGGQATVLTYDWSANGVNSN
;
_entity_poly.pdbx_strand_id   G,F,C,A,B,I,H,D,E
#
# COMPACT_ATOMS: atom_id res chain seq x y z
N PHE A 1 -8.72 -12.43 -3.68
CA PHE A 1 -7.96 -12.09 -2.44
C PHE A 1 -8.65 -12.50 -1.15
N THR A 2 -7.83 -12.77 -0.14
CA THR A 2 -8.29 -13.12 1.20
C THR A 2 -7.40 -12.40 2.20
N LEU A 3 -7.89 -12.30 3.44
CA LEU A 3 -7.22 -11.46 4.43
C LEU A 3 -5.74 -11.81 4.56
N VAL A 4 -5.42 -13.11 4.54
CA VAL A 4 -4.03 -13.53 4.65
C VAL A 4 -3.21 -12.88 3.57
N GLU A 5 -3.81 -12.66 2.40
CA GLU A 5 -3.18 -11.94 1.30
C GLU A 5 -3.33 -10.43 1.48
N LEU A 6 -4.52 -9.97 1.84
CA LEU A 6 -4.84 -8.56 1.72
C LEU A 6 -4.08 -7.70 2.73
N ILE A 7 -3.73 -8.23 3.90
CA ILE A 7 -3.08 -7.36 4.89
C ILE A 7 -1.61 -7.08 4.57
N VAL A 8 -1.00 -7.85 3.67
CA VAL A 8 0.40 -7.60 3.37
C VAL A 8 0.58 -6.29 2.63
N VAL A 9 -0.42 -5.86 1.85
CA VAL A 9 -0.29 -4.56 1.20
C VAL A 9 -0.32 -3.45 2.25
N ILE A 10 -1.10 -3.62 3.31
CA ILE A 10 -1.07 -2.66 4.40
C ILE A 10 0.33 -2.62 5.02
N ILE A 11 0.93 -3.79 5.23
CA ILE A 11 2.30 -3.83 5.73
C ILE A 11 3.23 -3.04 4.80
N ILE A 12 3.14 -3.33 3.50
CA ILE A 12 4.09 -2.76 2.55
C ILE A 12 3.93 -1.23 2.48
N ILE A 13 2.69 -0.75 2.47
CA ILE A 13 2.47 0.69 2.45
C ILE A 13 3.00 1.33 3.74
N ALA A 14 2.73 0.71 4.88
CA ALA A 14 3.23 1.25 6.14
C ALA A 14 4.75 1.29 6.17
N ILE A 15 5.43 0.43 5.41
CA ILE A 15 6.89 0.50 5.36
C ILE A 15 7.36 1.57 4.38
N ILE A 16 6.79 1.57 3.16
CA ILE A 16 7.25 2.50 2.13
C ILE A 16 7.01 3.95 2.50
N ALA A 17 5.92 4.23 3.23
CA ALA A 17 5.68 5.60 3.65
C ALA A 17 6.62 6.12 4.73
N ALA A 18 7.42 5.26 5.38
CA ALA A 18 8.31 5.71 6.44
C ALA A 18 9.60 6.38 5.95
N VAL A 19 9.90 6.35 4.65
CA VAL A 19 11.15 6.92 4.15
C VAL A 19 11.31 8.37 4.60
N ALA A 20 12.50 8.69 5.12
CA ALA A 20 12.87 10.04 5.53
C ALA A 20 12.91 11.00 4.34
N ILE A 21 12.79 12.29 4.64
CA ILE A 21 12.77 13.34 3.60
C ILE A 21 13.67 14.52 3.96
N PRO A 22 14.33 15.14 2.97
CA PRO A 22 15.27 16.24 3.25
C PRO A 22 14.58 17.55 3.63
N ALA A 23 15.32 18.39 4.37
CA ALA A 23 14.85 19.69 4.82
C ALA A 23 15.17 20.79 3.79
N ILE A 24 14.14 21.48 3.31
CA ILE A 24 14.27 22.48 2.26
C ILE A 24 15.22 23.63 2.65
N THR A 25 14.98 24.25 3.81
CA THR A 25 15.66 25.50 4.17
C THR A 25 17.16 25.35 4.40
N SER A 26 17.59 24.15 4.81
CA SER A 26 19.00 23.90 5.11
C SER A 26 19.88 23.84 3.87
N PHE A 27 19.32 23.59 2.68
CA PHE A 27 20.06 23.90 1.47
C PHE A 27 19.96 25.38 1.12
N GLN A 28 18.76 25.96 1.27
CA GLN A 28 18.46 27.26 0.68
C GLN A 28 19.33 28.38 1.26
N ASP A 29 19.59 28.37 2.56
CA ASP A 29 20.46 29.43 3.06
C ASP A 29 21.94 29.18 2.77
N ASN A 30 22.34 27.92 2.63
CA ASN A 30 23.70 27.63 2.22
C ASN A 30 23.93 27.96 0.76
N ALA A 31 22.85 28.08 -0.02
CA ALA A 31 22.94 28.74 -1.32
C ALA A 31 23.13 30.26 -1.20
N ARG A 32 22.33 30.91 -0.35
CA ARG A 32 22.45 32.37 -0.21
C ARG A 32 23.87 32.78 0.21
N LYS A 33 24.50 31.96 1.05
CA LYS A 33 25.91 32.11 1.40
C LYS A 33 26.82 32.41 0.22
N SER A 34 26.63 31.71 -0.90
CA SER A 34 27.50 31.90 -2.06
C SER A 34 27.38 33.30 -2.66
N ARG A 35 26.17 33.85 -2.75
CA ARG A 35 26.08 35.20 -3.30
C ARG A 35 26.68 36.22 -2.34
N ILE A 36 26.67 35.94 -1.04
CA ILE A 36 27.40 36.84 -0.14
C ILE A 36 28.90 36.80 -0.43
N GLN A 37 29.48 35.59 -0.39
CA GLN A 37 30.93 35.47 -0.57
C GLN A 37 31.39 35.99 -1.93
N SER A 38 30.60 35.77 -2.98
CA SER A 38 31.01 36.26 -4.30
C SER A 38 30.85 37.77 -4.43
N GLU A 39 29.68 38.32 -4.11
CA GLU A 39 29.45 39.74 -4.32
C GLU A 39 30.36 40.61 -3.45
N HIS A 40 30.86 40.07 -2.34
CA HIS A 40 31.91 40.77 -1.60
C HIS A 40 33.09 41.17 -2.49
N ARG A 41 33.57 40.29 -3.36
CA ARG A 41 34.67 40.66 -4.25
C ARG A 41 34.26 41.68 -5.31
N GLU A 42 33.01 41.66 -5.77
CA GLU A 42 32.57 42.71 -6.69
C GLU A 42 32.64 44.08 -6.03
N LEU A 43 32.08 44.21 -4.83
CA LEU A 43 32.18 45.47 -4.11
C LEU A 43 33.63 45.88 -3.86
N VAL A 44 34.48 44.94 -3.45
CA VAL A 44 35.89 45.26 -3.23
C VAL A 44 36.53 45.81 -4.49
N SER A 45 36.34 45.14 -5.63
CA SER A 45 36.94 45.61 -6.88
C SER A 45 36.43 46.99 -7.26
N ALA A 46 35.13 47.25 -7.06
CA ALA A 46 34.59 48.56 -7.38
C ALA A 46 35.20 49.66 -6.52
N ILE A 47 35.13 49.50 -5.19
CA ILE A 47 35.60 50.56 -4.31
C ILE A 47 37.12 50.75 -4.40
N GLN A 48 37.87 49.66 -4.61
CA GLN A 48 39.30 49.77 -4.86
C GLN A 48 39.60 50.51 -6.16
N SER A 49 38.74 50.35 -7.18
CA SER A 49 38.90 51.16 -8.38
C SER A 49 38.58 52.62 -8.12
N TYR A 50 37.52 52.88 -7.35
CA TYR A 50 37.12 54.26 -7.07
C TYR A 50 38.20 55.03 -6.32
N ILE A 51 38.83 54.41 -5.33
CA ILE A 51 39.91 55.09 -4.62
C ILE A 51 41.14 55.33 -5.48
N GLY A 52 41.16 54.81 -6.70
CA GLY A 52 42.16 55.16 -7.68
C GLY A 52 41.72 56.17 -8.74
N ALA A 53 40.48 56.66 -8.67
CA ALA A 53 39.92 57.41 -9.80
C ALA A 53 40.37 58.87 -9.84
N GLN A 54 40.73 59.47 -8.71
CA GLN A 54 41.12 60.87 -8.74
C GLN A 54 42.41 61.05 -9.52
N THR A 64 31.30 55.96 1.39
CA THR A 64 30.00 55.31 1.56
C THR A 64 29.50 54.76 0.24
N LEU A 65 28.71 53.69 0.30
CA LEU A 65 28.25 53.02 -0.91
C LEU A 65 27.32 53.91 -1.73
N ALA A 66 26.71 54.93 -1.12
CA ALA A 66 25.98 55.92 -1.89
C ALA A 66 26.90 56.66 -2.87
N LYS A 67 28.14 56.91 -2.47
CA LYS A 67 29.13 57.49 -3.38
C LYS A 67 29.59 56.49 -4.44
N LEU A 68 29.65 55.20 -4.08
CA LEU A 68 30.06 54.14 -5.00
C LEU A 68 28.98 53.77 -6.02
N ALA A 69 27.72 54.07 -5.73
CA ALA A 69 26.59 53.59 -6.51
C ALA A 69 26.71 53.65 -8.03
N PRO A 70 27.21 54.72 -8.65
CA PRO A 70 27.29 54.73 -10.12
C PRO A 70 28.31 53.78 -10.71
N TYR A 71 29.15 53.15 -9.90
CA TYR A 71 30.20 52.27 -10.40
C TYR A 71 29.72 50.86 -10.76
N MET A 72 28.44 50.53 -10.56
CA MET A 72 27.99 49.15 -10.74
C MET A 72 26.60 49.10 -11.36
N SER A 73 26.36 48.03 -12.11
CA SER A 73 25.14 47.87 -12.90
C SER A 73 23.90 47.67 -12.03
N LYS A 74 22.80 48.30 -12.45
CA LYS A 74 21.50 48.17 -11.80
C LYS A 74 20.86 46.81 -12.07
N ASN A 75 19.89 46.47 -11.22
CA ASN A 75 19.21 45.18 -11.27
C ASN A 75 18.38 45.00 -12.54
N ALA A 76 18.19 43.73 -12.90
CA ALA A 76 17.44 43.34 -14.10
C ALA A 76 15.99 43.82 -14.10
N LYS A 77 15.42 44.13 -12.93
CA LYS A 77 14.03 44.61 -12.88
C LYS A 77 13.94 46.12 -12.74
N ASN A 78 15.02 46.84 -13.03
CA ASN A 78 15.04 48.30 -12.99
C ASN A 78 14.64 48.84 -11.62
N GLU A 79 15.34 48.37 -10.59
CA GLU A 79 15.29 49.05 -9.31
C GLU A 79 15.95 50.43 -9.43
N ASP A 80 15.79 51.22 -8.37
CA ASP A 80 16.23 52.61 -8.40
C ASP A 80 17.68 52.80 -7.95
N GLY A 81 18.30 51.80 -7.35
CA GLY A 81 19.67 51.95 -6.89
C GLY A 81 20.21 50.68 -6.28
N ILE A 82 21.53 50.67 -6.10
CA ILE A 82 22.25 49.46 -5.72
C ILE A 82 21.81 48.92 -4.37
N VAL A 83 21.30 49.79 -3.50
CA VAL A 83 20.81 49.34 -2.20
C VAL A 83 19.70 48.32 -2.31
N ASN A 84 19.05 48.22 -3.48
CA ASN A 84 18.07 47.18 -3.74
C ASN A 84 18.62 45.97 -4.48
N SER A 85 19.84 46.04 -4.99
CA SER A 85 20.47 44.88 -5.64
C SER A 85 21.33 44.06 -4.69
N LEU A 86 22.02 44.69 -3.76
CA LEU A 86 22.78 43.97 -2.75
C LEU A 86 21.86 43.14 -1.85
N ALA A 87 22.41 42.06 -1.30
CA ALA A 87 21.67 41.04 -0.58
C ALA A 87 21.09 41.55 0.74
N LYS A 88 20.20 40.72 1.30
CA LYS A 88 19.38 41.07 2.45
C LYS A 88 19.86 40.39 3.74
N ASP A 89 20.11 41.20 4.76
CA ASP A 89 20.43 40.69 6.10
C ASP A 89 19.21 40.11 6.80
N LYS A 90 19.36 38.91 7.37
CA LYS A 90 18.28 38.29 8.14
C LYS A 90 18.06 38.95 9.49
N SER A 91 19.08 39.57 10.07
CA SER A 91 18.96 40.09 11.42
C SER A 91 18.25 41.44 11.43
N GLY A 92 17.79 41.81 12.62
CA GLY A 92 17.12 43.09 12.83
C GLY A 92 16.83 43.34 14.29
N GLY A 100 18.65 47.06 5.98
CA GLY A 100 18.66 45.61 5.87
C GLY A 100 19.77 45.06 4.99
N SER A 101 20.63 45.95 4.50
CA SER A 101 21.70 45.52 3.60
C SER A 101 22.66 44.60 4.33
N ALA A 102 22.99 43.48 3.69
CA ALA A 102 24.00 42.58 4.22
C ALA A 102 25.42 43.12 4.12
N HIS A 103 25.63 44.21 3.38
CA HIS A 103 26.94 44.85 3.28
C HIS A 103 26.88 46.26 3.85
N GLN A 104 27.94 46.67 4.54
CA GLN A 104 28.01 48.02 5.10
C GLN A 104 29.42 48.59 4.95
N ILE A 105 29.48 49.91 4.96
CA ILE A 105 30.72 50.68 4.91
C ILE A 105 30.77 51.55 6.16
N ASP A 106 31.97 51.83 6.65
CA ASP A 106 32.15 52.89 7.64
C ASP A 106 33.42 53.70 7.34
N THR A 107 33.23 54.91 6.80
CA THR A 107 34.34 55.79 6.46
C THR A 107 35.04 56.40 7.68
N THR A 108 34.51 56.21 8.89
CA THR A 108 35.28 56.54 10.09
C THR A 108 36.33 55.48 10.42
N ASN A 109 36.26 54.31 9.78
CA ASN A 109 37.14 53.20 10.08
C ASN A 109 37.85 52.75 8.80
N HIS A 110 37.56 53.37 7.66
CA HIS A 110 38.08 52.95 6.37
C HIS A 110 37.78 51.49 6.08
N LYS A 111 36.61 51.02 6.52
CA LYS A 111 36.35 49.59 6.66
C LYS A 111 35.12 49.20 5.86
N LEU A 112 35.19 48.01 5.25
CA LEU A 112 34.03 47.36 4.64
C LEU A 112 33.77 46.05 5.39
N ILE A 113 32.50 45.79 5.70
CA ILE A 113 32.11 44.55 6.38
C ILE A 113 30.99 43.85 5.62
N SER A 114 31.03 42.51 5.63
CA SER A 114 29.97 41.65 5.12
C SER A 114 29.73 40.53 6.13
N THR A 115 28.50 40.02 6.19
CA THR A 115 28.12 39.07 7.23
C THR A 115 27.09 38.09 6.69
N PHE A 116 27.12 36.87 7.25
CA PHE A 116 26.11 35.85 7.03
C PHE A 116 25.74 35.21 8.36
N THR A 117 24.43 35.13 8.65
CA THR A 117 23.93 34.48 9.86
C THR A 117 23.07 33.26 9.50
N PRO A 118 23.42 32.05 9.94
CA PRO A 118 22.63 30.88 9.55
C PRO A 118 21.28 30.83 10.27
N SER A 119 20.32 30.16 9.63
CA SER A 119 18.96 30.08 10.16
C SER A 119 18.87 29.24 11.43
N ASN A 120 19.81 28.33 11.66
CA ASN A 120 19.74 27.43 12.81
C ASN A 120 20.11 28.10 14.12
N GLY A 121 20.61 29.34 14.09
CA GLY A 121 21.23 29.90 15.26
C GLY A 121 22.61 29.37 15.55
N GLY A 122 23.21 28.66 14.61
CA GLY A 122 24.61 28.27 14.69
C GLY A 122 25.58 29.41 14.48
N GLN A 123 26.83 29.06 14.19
CA GLN A 123 27.93 30.03 14.15
C GLN A 123 27.76 31.01 13.00
N ALA A 124 27.73 32.30 13.34
CA ALA A 124 27.75 33.38 12.34
C ALA A 124 29.14 33.54 11.74
N THR A 125 29.19 34.01 10.48
CA THR A 125 30.41 34.14 9.71
C THR A 125 30.56 35.56 9.19
N VAL A 126 31.77 36.09 9.27
CA VAL A 126 32.05 37.49 8.95
C VAL A 126 33.28 37.58 8.05
N LEU A 127 33.17 38.36 6.98
CA LEU A 127 34.32 38.79 6.18
C LEU A 127 34.69 40.23 6.51
N THR A 128 35.87 40.64 6.09
CA THR A 128 36.32 42.01 6.30
C THR A 128 37.30 42.41 5.20
N TYR A 129 37.34 43.70 4.90
CA TYR A 129 38.42 44.28 4.11
C TYR A 129 38.68 45.71 4.57
N ASP A 130 39.94 46.12 4.47
CA ASP A 130 40.35 47.49 4.71
C ASP A 130 41.33 47.92 3.63
N TRP A 131 41.19 49.16 3.16
CA TRP A 131 42.18 49.77 2.29
C TRP A 131 43.35 50.39 3.05
N SER A 132 43.54 50.03 4.32
CA SER A 132 44.73 50.38 5.06
C SER A 132 45.02 49.32 6.10
N ALA A 133 46.30 49.20 6.49
CA ALA A 133 46.72 48.32 7.58
C ALA A 133 46.46 46.85 7.27
N ASN A 134 46.62 46.44 6.02
CA ASN A 134 46.89 45.03 5.78
C ASN A 134 48.31 44.68 6.24
N GLY A 135 48.54 43.39 6.42
CA GLY A 135 49.82 42.91 6.90
C GLY A 135 49.87 42.84 8.42
N VAL A 136 50.68 41.93 8.96
CA VAL A 136 50.75 41.67 10.39
C VAL A 136 52.20 41.42 10.79
N ASN A 137 52.43 41.44 12.11
CA ASN A 137 53.74 41.22 12.72
C ASN A 137 54.90 41.58 11.79
N PHE B 1 -12.18 -19.70 4.84
CA PHE B 1 -12.77 -19.35 6.17
C PHE B 1 -14.28 -19.48 6.19
N THR B 2 -14.85 -19.30 7.38
CA THR B 2 -16.30 -19.21 7.49
C THR B 2 -16.78 -17.82 7.09
N LEU B 3 -18.11 -17.70 6.98
CA LEU B 3 -18.74 -16.59 6.27
C LEU B 3 -18.32 -15.22 6.80
N VAL B 4 -18.08 -15.10 8.11
CA VAL B 4 -17.82 -13.78 8.68
C VAL B 4 -16.56 -13.17 8.10
N GLU B 5 -15.52 -14.00 7.90
CA GLU B 5 -14.30 -13.49 7.28
C GLU B 5 -14.57 -12.98 5.87
N LEU B 6 -15.50 -13.63 5.16
CA LEU B 6 -15.83 -13.22 3.81
C LEU B 6 -16.72 -11.98 3.76
N ILE B 7 -17.38 -11.61 4.85
CA ILE B 7 -18.00 -10.28 4.87
C ILE B 7 -17.01 -9.21 5.30
N VAL B 8 -16.06 -9.56 6.17
CA VAL B 8 -15.01 -8.60 6.53
C VAL B 8 -14.19 -8.23 5.29
N VAL B 9 -13.84 -9.22 4.47
CA VAL B 9 -13.04 -8.94 3.28
C VAL B 9 -13.79 -8.12 2.24
N ILE B 10 -15.12 -8.03 2.33
CA ILE B 10 -15.87 -7.12 1.49
C ILE B 10 -15.97 -5.74 2.13
N ILE B 11 -16.09 -5.68 3.45
CA ILE B 11 -16.17 -4.40 4.13
C ILE B 11 -14.87 -3.62 3.96
N ILE B 12 -13.73 -4.32 3.99
CA ILE B 12 -12.44 -3.63 4.00
C ILE B 12 -12.14 -2.96 2.66
N ILE B 13 -12.52 -3.61 1.55
CA ILE B 13 -12.17 -3.09 0.24
C ILE B 13 -12.78 -1.72 0.01
N ALA B 14 -14.01 -1.51 0.50
CA ALA B 14 -14.71 -0.26 0.23
C ALA B 14 -14.01 0.95 0.82
N ILE B 15 -13.12 0.76 1.79
CA ILE B 15 -12.39 1.85 2.41
C ILE B 15 -10.89 1.75 2.16
N ILE B 16 -10.41 0.71 1.49
CA ILE B 16 -9.08 0.80 0.89
C ILE B 16 -9.15 1.54 -0.45
N ALA B 17 -10.14 1.21 -1.28
CA ALA B 17 -10.28 1.78 -2.63
C ALA B 17 -10.61 3.28 -2.66
N ALA B 18 -10.94 3.91 -1.54
CA ALA B 18 -11.31 5.32 -1.51
C ALA B 18 -10.15 6.30 -1.44
N VAL B 19 -8.91 5.84 -1.24
CA VAL B 19 -7.77 6.75 -1.13
C VAL B 19 -7.68 7.69 -2.32
N ALA B 20 -7.52 8.98 -2.04
CA ALA B 20 -7.59 10.04 -3.05
C ALA B 20 -6.50 9.89 -4.13
N ILE B 21 -6.81 10.37 -5.32
CA ILE B 21 -5.93 10.27 -6.48
C ILE B 21 -5.26 11.61 -6.74
N PRO B 22 -3.92 11.71 -6.70
CA PRO B 22 -3.24 12.95 -7.08
C PRO B 22 -3.28 13.19 -8.59
N ALA B 23 -3.33 14.47 -8.97
CA ALA B 23 -3.41 14.87 -10.37
C ALA B 23 -2.07 14.73 -11.10
N ILE B 24 -2.06 15.08 -12.40
CA ILE B 24 -0.88 15.16 -13.24
C ILE B 24 -0.74 16.57 -13.84
N THR B 25 0.51 16.96 -14.13
CA THR B 25 0.86 18.25 -14.74
C THR B 25 0.62 19.44 -13.83
N SER B 26 0.50 19.22 -12.52
CA SER B 26 0.26 20.30 -11.58
C SER B 26 1.43 21.29 -11.49
N PHE B 27 2.66 20.84 -11.74
CA PHE B 27 3.86 21.66 -11.50
C PHE B 27 4.76 21.83 -12.73
N GLN B 28 4.33 21.36 -13.90
CA GLN B 28 5.16 21.32 -15.10
C GLN B 28 5.86 22.64 -15.47
N ASP B 29 5.09 23.72 -15.64
CA ASP B 29 5.57 24.89 -16.38
C ASP B 29 6.68 25.70 -15.69
N ASN B 30 6.88 25.60 -14.39
CA ASN B 30 7.92 26.39 -13.74
C ASN B 30 9.36 26.00 -14.11
N ALA B 31 9.57 24.83 -14.71
CA ALA B 31 10.88 24.53 -15.30
C ALA B 31 11.24 25.47 -16.44
N ARG B 32 10.25 25.95 -17.19
CA ARG B 32 10.53 26.97 -18.19
C ARG B 32 10.97 28.26 -17.51
N LYS B 33 10.21 28.68 -16.49
CA LYS B 33 10.58 29.86 -15.71
C LYS B 33 12.03 29.84 -15.26
N SER B 34 12.51 28.67 -14.79
CA SER B 34 13.92 28.57 -14.37
C SER B 34 14.92 28.57 -15.53
N ARG B 35 14.70 27.74 -16.55
CA ARG B 35 15.68 27.71 -17.64
C ARG B 35 15.71 28.99 -18.47
N ILE B 36 14.64 29.78 -18.45
CA ILE B 36 14.68 31.13 -19.01
C ILE B 36 15.71 31.99 -18.29
N GLN B 37 15.77 31.89 -16.96
CA GLN B 37 16.74 32.68 -16.21
C GLN B 37 18.16 32.23 -16.47
N SER B 38 18.39 30.92 -16.51
CA SER B 38 19.76 30.47 -16.76
C SER B 38 20.24 30.84 -18.16
N GLU B 39 19.35 30.73 -19.17
CA GLU B 39 19.73 31.19 -20.50
C GLU B 39 19.93 32.71 -20.56
N HIS B 40 19.14 33.47 -19.81
CA HIS B 40 19.40 34.91 -19.71
C HIS B 40 20.81 35.20 -19.19
N ARG B 41 21.20 34.57 -18.09
CA ARG B 41 22.55 34.78 -17.58
C ARG B 41 23.62 34.44 -18.61
N GLU B 42 23.47 33.31 -19.30
CA GLU B 42 24.49 32.93 -20.28
C GLU B 42 24.54 33.89 -21.47
N LEU B 43 23.39 34.31 -21.99
CA LEU B 43 23.40 35.31 -23.07
C LEU B 43 24.00 36.63 -22.61
N VAL B 44 23.73 37.06 -21.38
CA VAL B 44 24.36 38.28 -20.87
C VAL B 44 25.88 38.15 -20.87
N SER B 45 26.39 36.99 -20.43
CA SER B 45 27.84 36.78 -20.49
C SER B 45 28.36 36.78 -21.92
N ALA B 46 27.57 36.25 -22.85
CA ALA B 46 28.00 36.23 -24.25
C ALA B 46 28.09 37.63 -24.85
N ILE B 47 27.03 38.43 -24.70
CA ILE B 47 27.07 39.79 -25.25
C ILE B 47 28.13 40.63 -24.54
N GLN B 48 28.38 40.39 -23.26
CA GLN B 48 29.50 41.06 -22.59
C GLN B 48 30.83 40.66 -23.22
N SER B 49 31.02 39.38 -23.51
CA SER B 49 32.23 38.95 -24.20
C SER B 49 32.37 39.58 -25.58
N TYR B 50 31.26 39.76 -26.28
CA TYR B 50 31.31 40.32 -27.63
C TYR B 50 32.02 41.67 -27.69
N ILE B 51 31.90 42.49 -26.65
CA ILE B 51 32.51 43.82 -26.68
C ILE B 51 34.03 43.78 -26.86
N GLY B 52 34.68 42.66 -26.53
CA GLY B 52 36.11 42.52 -26.73
C GLY B 52 36.57 42.10 -28.11
N ALA B 53 35.67 41.88 -29.05
CA ALA B 53 36.05 41.30 -30.34
C ALA B 53 36.63 42.33 -31.31
N GLN B 54 35.89 43.40 -31.59
CA GLN B 54 36.36 44.39 -32.56
C GLN B 54 37.50 45.22 -31.98
N ASP B 55 38.08 46.04 -32.87
CA ASP B 55 39.35 46.70 -32.59
C ASP B 55 39.26 47.69 -31.43
N ASP B 56 38.08 48.24 -31.16
CA ASP B 56 37.92 49.28 -30.13
C ASP B 56 36.79 48.87 -29.20
N PRO B 57 37.06 48.44 -27.98
CA PRO B 57 35.99 48.06 -27.05
C PRO B 57 35.21 49.24 -26.47
N THR B 58 35.68 50.47 -26.67
CA THR B 58 34.99 51.64 -26.13
C THR B 58 33.90 52.18 -27.04
N ASN B 59 33.83 51.74 -28.30
CA ASN B 59 32.82 52.23 -29.25
C ASN B 59 32.22 51.05 -30.01
N PRO B 60 31.50 50.17 -29.31
CA PRO B 60 30.92 48.99 -29.97
C PRO B 60 29.80 49.34 -30.93
N SER B 61 29.58 48.46 -31.90
CA SER B 61 28.55 48.66 -32.91
C SER B 61 27.24 47.98 -32.50
N GLU B 62 26.31 47.86 -33.45
CA GLU B 62 25.04 47.19 -33.23
C GLU B 62 25.25 45.70 -33.01
N ILE B 63 24.25 45.04 -32.42
CA ILE B 63 24.31 43.61 -32.13
C ILE B 63 22.93 42.99 -32.38
N THR B 64 22.94 41.77 -32.90
CA THR B 64 21.75 40.93 -32.99
C THR B 64 22.17 39.51 -32.68
N LEU B 65 21.19 38.68 -32.30
CA LEU B 65 21.52 37.29 -31.96
C LEU B 65 22.10 36.53 -33.14
N ALA B 66 21.79 36.96 -34.36
CA ALA B 66 22.46 36.39 -35.53
C ALA B 66 23.95 36.68 -35.53
N LYS B 67 24.34 37.92 -35.22
CA LYS B 67 25.75 38.24 -35.04
C LYS B 67 26.35 37.49 -33.85
N LEU B 68 25.57 37.30 -32.79
CA LEU B 68 26.04 36.70 -31.54
C LEU B 68 26.09 35.17 -31.54
N ALA B 69 25.49 34.52 -32.52
CA ALA B 69 25.41 33.07 -32.62
C ALA B 69 26.75 32.33 -32.55
N PRO B 70 27.85 32.91 -33.01
CA PRO B 70 29.13 32.19 -32.91
C PRO B 70 29.65 31.88 -31.50
N TYR B 71 28.92 32.28 -30.46
CA TYR B 71 29.39 32.13 -29.08
C TYR B 71 28.76 30.97 -28.31
N MET B 72 27.80 30.23 -28.86
CA MET B 72 27.31 29.06 -28.14
C MET B 72 26.86 27.98 -29.11
N SER B 73 26.97 26.74 -28.62
CA SER B 73 27.03 25.55 -29.46
C SER B 73 25.68 25.17 -30.08
N LYS B 74 25.78 24.32 -31.11
CA LYS B 74 24.66 23.65 -31.78
C LYS B 74 23.72 22.89 -30.86
N ASN B 75 22.50 22.65 -31.34
CA ASN B 75 21.49 21.91 -30.60
C ASN B 75 21.96 20.49 -30.29
N ALA B 76 21.42 19.95 -29.20
CA ALA B 76 21.64 18.54 -28.87
C ALA B 76 21.16 17.62 -29.98
N LYS B 77 20.18 18.06 -30.77
CA LYS B 77 19.80 17.33 -31.97
C LYS B 77 20.85 17.38 -33.07
N ASN B 78 21.92 18.17 -32.87
CA ASN B 78 22.93 18.53 -33.86
C ASN B 78 22.37 19.35 -35.01
N GLU B 79 21.12 19.82 -34.91
CA GLU B 79 20.68 20.91 -35.77
C GLU B 79 21.32 22.19 -35.25
N ASP B 80 21.36 23.23 -36.11
CA ASP B 80 22.24 24.35 -35.85
C ASP B 80 21.56 25.72 -35.90
N GLY B 81 20.24 25.78 -36.07
CA GLY B 81 19.56 27.07 -35.96
C GLY B 81 19.29 27.46 -34.52
N ILE B 82 20.00 28.49 -34.02
CA ILE B 82 19.93 28.80 -32.59
C ILE B 82 18.54 29.30 -32.16
N VAL B 83 17.73 29.79 -33.11
CA VAL B 83 16.36 30.18 -32.79
C VAL B 83 15.54 29.04 -32.23
N ASN B 84 16.00 27.80 -32.40
CA ASN B 84 15.40 26.66 -31.72
C ASN B 84 16.23 26.12 -30.58
N SER B 85 17.47 26.58 -30.41
CA SER B 85 18.27 26.18 -29.25
C SER B 85 17.97 27.02 -28.03
N LEU B 86 17.63 28.29 -28.21
CA LEU B 86 17.03 29.07 -27.11
C LEU B 86 15.71 28.46 -26.67
N ALA B 87 15.31 28.78 -25.45
CA ALA B 87 13.96 28.50 -24.96
C ALA B 87 12.91 29.17 -25.86
N LYS B 88 11.71 28.61 -25.81
CA LYS B 88 10.62 29.00 -26.70
C LYS B 88 9.40 29.43 -25.89
N ASP B 89 8.70 30.46 -26.38
CA ASP B 89 7.54 30.99 -25.69
C ASP B 89 6.64 31.72 -26.68
N LYS B 90 5.41 31.99 -26.24
CA LYS B 90 4.50 32.85 -26.99
C LYS B 90 5.10 34.24 -27.15
N SER B 91 5.14 34.71 -28.40
CA SER B 91 5.99 35.84 -28.77
C SER B 91 5.46 36.53 -30.02
N SER B 101 10.25 33.70 -30.29
CA SER B 101 11.44 33.81 -29.46
C SER B 101 11.11 34.37 -28.09
N ALA B 102 11.66 33.74 -27.06
CA ALA B 102 11.54 34.22 -25.70
C ALA B 102 12.46 35.40 -25.40
N HIS B 103 13.41 35.71 -26.28
CA HIS B 103 14.37 36.78 -26.05
C HIS B 103 14.31 37.78 -27.19
N GLN B 104 14.63 39.03 -26.89
CA GLN B 104 14.59 40.12 -27.86
C GLN B 104 15.82 41.02 -27.71
N ILE B 105 16.24 41.61 -28.83
CA ILE B 105 17.25 42.66 -28.85
C ILE B 105 16.69 43.87 -29.59
N ASP B 106 16.88 45.06 -29.01
CA ASP B 106 16.52 46.32 -29.64
C ASP B 106 17.79 47.08 -30.03
N THR B 107 18.17 46.98 -31.31
CA THR B 107 19.32 47.71 -31.83
C THR B 107 19.20 49.23 -31.68
N THR B 108 17.99 49.76 -31.53
CA THR B 108 17.81 51.21 -31.44
C THR B 108 18.01 51.74 -30.02
N ASN B 109 18.04 50.89 -29.01
CA ASN B 109 18.19 51.30 -27.62
C ASN B 109 19.24 50.50 -26.88
N HIS B 110 19.91 49.56 -27.54
CA HIS B 110 20.92 48.72 -26.90
C HIS B 110 20.35 47.93 -25.73
N LYS B 111 19.12 47.45 -25.86
CA LYS B 111 18.40 46.82 -24.77
C LYS B 111 18.20 45.34 -25.08
N LEU B 112 18.51 44.48 -24.12
CA LEU B 112 18.21 43.05 -24.19
C LEU B 112 17.10 42.72 -23.19
N ILE B 113 16.11 41.95 -23.64
CA ILE B 113 14.93 41.62 -22.84
C ILE B 113 14.64 40.13 -22.90
N SER B 114 14.25 39.56 -21.75
CA SER B 114 13.67 38.22 -21.64
C SER B 114 12.32 38.33 -20.95
N THR B 115 11.39 37.44 -21.31
CA THR B 115 10.02 37.51 -20.81
C THR B 115 9.43 36.11 -20.72
N PHE B 116 8.59 35.90 -19.70
CA PHE B 116 7.84 34.66 -19.55
C PHE B 116 6.45 34.94 -18.99
N THR B 117 5.42 34.32 -19.60
CA THR B 117 4.04 34.45 -19.15
C THR B 117 3.41 33.09 -18.91
N PRO B 118 2.98 32.77 -17.69
CA PRO B 118 2.41 31.44 -17.43
C PRO B 118 1.03 31.27 -18.01
N SER B 119 0.63 30.01 -18.18
CA SER B 119 -0.67 29.68 -18.77
C SER B 119 -1.84 29.96 -17.84
N ASN B 120 -1.63 30.05 -16.52
CA ASN B 120 -2.74 30.22 -15.61
C ASN B 120 -3.38 31.61 -15.68
N GLY B 121 -2.83 32.52 -16.49
CA GLY B 121 -3.39 33.84 -16.61
C GLY B 121 -2.95 34.83 -15.55
N GLY B 122 -1.98 34.47 -14.73
CA GLY B 122 -1.42 35.40 -13.78
C GLY B 122 -0.55 36.47 -14.42
N GLN B 123 0.12 37.21 -13.55
CA GLN B 123 0.99 38.31 -13.96
C GLN B 123 2.21 37.83 -14.74
N ALA B 124 2.59 38.61 -15.75
CA ALA B 124 3.79 38.38 -16.54
C ALA B 124 5.07 38.77 -15.79
N THR B 125 6.20 38.22 -16.23
CA THR B 125 7.51 38.41 -15.62
C THR B 125 8.52 38.91 -16.66
N VAL B 126 9.38 39.86 -16.25
CA VAL B 126 10.24 40.59 -17.18
C VAL B 126 11.66 40.66 -16.61
N LEU B 127 12.65 40.53 -17.51
CA LEU B 127 14.06 40.74 -17.21
C LEU B 127 14.69 41.63 -18.28
N THR B 128 15.64 42.47 -17.89
CA THR B 128 16.17 43.49 -18.81
C THR B 128 17.65 43.74 -18.53
N TYR B 129 18.38 44.11 -19.59
CA TYR B 129 19.81 44.41 -19.51
C TYR B 129 20.17 45.47 -20.53
N ASP B 130 21.22 46.24 -20.23
CA ASP B 130 21.63 47.36 -21.07
C ASP B 130 23.14 47.49 -21.01
N TRP B 131 23.82 47.33 -22.15
CA TRP B 131 25.27 47.41 -22.20
C TRP B 131 25.81 48.79 -22.56
N SER B 132 24.95 49.81 -22.64
CA SER B 132 25.34 51.12 -23.16
C SER B 132 25.32 52.22 -22.10
N ALA B 133 24.35 52.21 -21.20
CA ALA B 133 24.24 53.27 -20.21
C ALA B 133 23.54 52.71 -18.97
N ASN B 134 23.75 53.39 -17.85
CA ASN B 134 23.18 52.96 -16.58
C ASN B 134 22.99 54.15 -15.64
N PHE C 1 -22.48 -23.65 10.16
CA PHE C 1 -23.46 -24.40 11.01
C PHE C 1 -24.32 -25.33 10.15
N THR C 2 -25.42 -24.81 9.60
CA THR C 2 -26.27 -25.61 8.74
C THR C 2 -25.80 -25.51 7.27
N LEU C 3 -26.39 -26.37 6.43
CA LEU C 3 -25.88 -26.54 5.07
C LEU C 3 -25.93 -25.25 4.25
N VAL C 4 -27.02 -24.49 4.34
CA VAL C 4 -27.26 -23.40 3.40
C VAL C 4 -26.16 -22.35 3.48
N GLU C 5 -25.80 -21.97 4.71
CA GLU C 5 -24.72 -21.01 4.93
C GLU C 5 -23.42 -21.53 4.33
N LEU C 6 -23.14 -22.81 4.52
CA LEU C 6 -21.91 -23.41 4.06
C LEU C 6 -21.90 -23.60 2.55
N ILE C 7 -23.06 -23.51 1.90
CA ILE C 7 -23.12 -23.46 0.44
C ILE C 7 -22.79 -22.05 -0.05
N VAL C 8 -23.41 -21.05 0.57
CA VAL C 8 -23.16 -19.68 0.11
C VAL C 8 -21.69 -19.32 0.31
N VAL C 9 -21.02 -19.94 1.28
CA VAL C 9 -19.56 -19.74 1.38
C VAL C 9 -18.88 -20.12 0.06
N ILE C 10 -19.20 -21.30 -0.48
CA ILE C 10 -18.60 -21.74 -1.73
C ILE C 10 -18.92 -20.76 -2.85
N ILE C 11 -20.17 -20.29 -2.89
CA ILE C 11 -20.55 -19.39 -3.98
C ILE C 11 -19.75 -18.10 -3.91
N ILE C 12 -19.61 -17.53 -2.71
CA ILE C 12 -18.92 -16.26 -2.56
C ILE C 12 -17.46 -16.41 -2.95
N ILE C 13 -16.83 -17.52 -2.54
CA ILE C 13 -15.43 -17.72 -2.92
C ILE C 13 -15.31 -17.82 -4.44
N ALA C 14 -16.22 -18.57 -5.07
CA ALA C 14 -16.15 -18.72 -6.53
C ALA C 14 -16.25 -17.37 -7.23
N ILE C 15 -17.02 -16.43 -6.68
CA ILE C 15 -17.09 -15.10 -7.29
C ILE C 15 -15.83 -14.30 -7.01
N ILE C 16 -15.44 -14.18 -5.72
CA ILE C 16 -14.36 -13.29 -5.33
C ILE C 16 -13.02 -13.68 -5.95
N ALA C 17 -12.80 -14.97 -6.19
CA ALA C 17 -11.58 -15.41 -6.87
C ALA C 17 -11.45 -14.93 -8.31
N ALA C 18 -12.52 -14.46 -8.95
CA ALA C 18 -12.48 -14.11 -10.37
C ALA C 18 -12.22 -12.63 -10.67
N VAL C 19 -11.66 -11.87 -9.73
CA VAL C 19 -11.08 -10.58 -10.10
C VAL C 19 -9.91 -10.79 -11.07
N ALA C 20 -9.78 -9.89 -12.04
CA ALA C 20 -8.63 -9.90 -12.94
C ALA C 20 -7.33 -9.67 -12.17
N ILE C 21 -6.22 -9.87 -12.87
CA ILE C 21 -4.89 -9.72 -12.27
C ILE C 21 -3.96 -8.89 -13.17
N PRO C 22 -3.29 -7.86 -12.64
CA PRO C 22 -2.47 -7.00 -13.49
C PRO C 22 -1.16 -7.65 -13.94
N ALA C 23 -0.64 -7.19 -15.07
CA ALA C 23 0.63 -7.68 -15.59
C ALA C 23 1.82 -7.18 -14.77
N ILE C 24 2.92 -7.94 -14.87
CA ILE C 24 4.17 -7.59 -14.20
C ILE C 24 4.84 -6.36 -14.81
N THR C 25 4.80 -6.21 -16.13
CA THR C 25 5.70 -5.30 -16.85
C THR C 25 5.01 -4.03 -17.34
N SER C 26 5.62 -2.88 -17.03
CA SER C 26 5.17 -1.61 -17.58
C SER C 26 6.27 -0.56 -17.47
N PHE C 27 6.21 0.43 -18.36
CA PHE C 27 6.75 1.78 -18.15
C PHE C 27 8.28 1.84 -17.95
N GLN C 28 9.05 0.85 -18.43
CA GLN C 28 10.49 0.77 -18.20
C GLN C 28 11.34 1.66 -19.12
N ASP C 29 10.88 1.85 -20.37
CA ASP C 29 11.68 2.53 -21.38
C ASP C 29 11.98 3.98 -21.01
N ASN C 30 10.98 4.70 -20.55
CA ASN C 30 11.21 6.10 -20.19
C ASN C 30 12.13 6.25 -18.99
N ALA C 31 12.12 5.28 -18.07
CA ALA C 31 13.09 5.30 -16.97
C ALA C 31 14.52 5.16 -17.48
N ARG C 32 14.75 4.19 -18.38
CA ARG C 32 16.09 4.08 -18.97
C ARG C 32 16.47 5.36 -19.72
N LYS C 33 15.60 5.82 -20.61
CA LYS C 33 15.86 7.03 -21.39
C LYS C 33 16.17 8.26 -20.53
N SER C 34 15.48 8.40 -19.40
CA SER C 34 15.77 9.47 -18.46
C SER C 34 17.17 9.36 -17.85
N ARG C 35 17.58 8.16 -17.45
CA ARG C 35 18.96 8.06 -16.95
C ARG C 35 19.97 8.33 -18.07
N ILE C 36 19.70 7.88 -19.28
CA ILE C 36 20.61 8.16 -20.39
C ILE C 36 20.82 9.66 -20.56
N GLN C 37 19.72 10.43 -20.64
CA GLN C 37 19.87 11.86 -20.90
C GLN C 37 20.54 12.61 -19.75
N SER C 38 20.20 12.26 -18.50
CA SER C 38 20.83 12.94 -17.38
C SER C 38 22.30 12.56 -17.23
N GLU C 39 22.67 11.31 -17.52
CA GLU C 39 24.07 10.93 -17.50
C GLU C 39 24.85 11.59 -18.63
N HIS C 40 24.20 11.76 -19.79
CA HIS C 40 24.84 12.48 -20.90
C HIS C 40 25.28 13.87 -20.50
N ARG C 41 24.39 14.63 -19.87
CA ARG C 41 24.81 15.97 -19.44
C ARG C 41 26.05 15.91 -18.53
N GLU C 42 26.13 14.89 -17.66
CA GLU C 42 27.27 14.78 -16.77
C GLU C 42 28.58 14.48 -17.50
N LEU C 43 28.53 13.63 -18.53
CA LEU C 43 29.73 13.43 -19.34
C LEU C 43 30.13 14.67 -20.12
N VAL C 44 29.15 15.43 -20.63
CA VAL C 44 29.51 16.67 -21.32
C VAL C 44 30.21 17.63 -20.37
N SER C 45 29.72 17.77 -19.15
CA SER C 45 30.41 18.60 -18.16
C SER C 45 31.82 18.09 -17.86
N ALA C 46 31.98 16.77 -17.73
CA ALA C 46 33.31 16.23 -17.45
C ALA C 46 34.31 16.53 -18.57
N ILE C 47 33.95 16.24 -19.82
CA ILE C 47 34.88 16.51 -20.92
C ILE C 47 35.14 18.01 -21.08
N GLN C 48 34.11 18.84 -20.93
CA GLN C 48 34.33 20.28 -21.03
C GLN C 48 35.31 20.77 -19.98
N SER C 49 35.23 20.24 -18.75
CA SER C 49 36.22 20.60 -17.74
C SER C 49 37.60 20.05 -18.09
N TYR C 50 37.68 18.84 -18.62
CA TYR C 50 38.98 18.27 -18.97
C TYR C 50 39.72 19.09 -20.02
N ILE C 51 39.02 19.65 -21.01
CA ILE C 51 39.71 20.49 -21.99
C ILE C 51 40.44 21.64 -21.31
N GLY C 52 39.85 22.24 -20.28
CA GLY C 52 40.51 23.31 -19.55
C GLY C 52 41.73 22.90 -18.76
N ALA C 53 41.99 21.61 -18.61
CA ALA C 53 43.11 21.14 -17.80
C ALA C 53 44.35 20.75 -18.60
N GLN C 54 44.26 20.58 -19.91
CA GLN C 54 45.45 20.28 -20.69
C GLN C 54 46.40 21.48 -20.74
N ASP C 55 47.64 21.21 -21.13
CA ASP C 55 48.66 22.24 -21.17
C ASP C 55 48.31 23.38 -22.13
N ASP C 56 47.49 23.11 -23.14
CA ASP C 56 47.02 24.14 -24.06
C ASP C 56 45.57 23.82 -24.42
N PRO C 57 44.60 24.56 -23.88
CA PRO C 57 43.19 24.23 -24.13
C PRO C 57 42.77 24.39 -25.57
N THR C 58 43.57 25.04 -26.42
CA THR C 58 43.20 25.26 -27.81
C THR C 58 43.60 24.12 -28.73
N ASN C 59 44.38 23.14 -28.27
CA ASN C 59 44.83 22.02 -29.10
C ASN C 59 45.08 20.80 -28.24
N PRO C 60 44.02 20.19 -27.70
CA PRO C 60 44.19 18.95 -26.93
C PRO C 60 44.53 17.77 -27.83
N SER C 61 45.14 16.75 -27.23
CA SER C 61 45.41 15.49 -27.93
C SER C 61 44.18 14.58 -27.82
N GLU C 62 44.37 13.29 -28.14
CA GLU C 62 43.25 12.36 -28.22
C GLU C 62 42.54 12.24 -26.87
N ILE C 63 41.22 12.15 -26.91
CA ILE C 63 40.39 11.91 -25.73
C ILE C 63 39.66 10.59 -25.90
N THR C 64 39.61 9.81 -24.83
CA THR C 64 38.81 8.60 -24.78
C THR C 64 38.16 8.53 -23.41
N LEU C 65 37.01 7.84 -23.32
CA LEU C 65 36.33 7.74 -22.05
C LEU C 65 37.10 6.89 -21.04
N ALA C 66 38.03 6.05 -21.51
CA ALA C 66 38.96 5.39 -20.61
C ALA C 66 39.96 6.37 -19.99
N LYS C 67 40.36 7.40 -20.74
CA LYS C 67 41.17 8.47 -20.14
C LYS C 67 40.36 9.35 -19.19
N LEU C 68 39.06 9.50 -19.43
CA LEU C 68 38.16 10.29 -18.60
C LEU C 68 37.82 9.61 -17.27
N ALA C 69 38.46 8.49 -16.95
CA ALA C 69 38.07 7.71 -15.78
C ALA C 69 38.14 8.44 -14.44
N PRO C 70 39.18 9.21 -14.11
CA PRO C 70 39.27 9.76 -12.76
C PRO C 70 38.23 10.82 -12.42
N TYR C 71 37.33 11.18 -13.33
CA TYR C 71 36.24 12.08 -13.00
C TYR C 71 35.01 11.40 -12.38
N MET C 72 34.85 10.09 -12.54
CA MET C 72 33.65 9.38 -12.08
C MET C 72 33.96 8.50 -10.88
N SER C 73 33.12 8.60 -9.86
CA SER C 73 33.22 7.74 -8.69
C SER C 73 33.00 6.27 -9.07
N LYS C 74 33.55 5.39 -8.24
CA LYS C 74 33.29 3.96 -8.36
C LYS C 74 31.79 3.64 -8.26
N ASN C 75 31.43 2.49 -8.84
CA ASN C 75 30.08 1.96 -8.71
C ASN C 75 29.71 1.77 -7.24
N ALA C 76 28.41 1.90 -6.96
CA ALA C 76 27.93 1.76 -5.59
C ALA C 76 28.27 0.40 -4.97
N LYS C 77 28.50 -0.62 -5.80
CA LYS C 77 28.99 -1.90 -5.31
C LYS C 77 30.51 -1.94 -5.15
N ASN C 78 31.17 -0.79 -5.23
CA ASN C 78 32.63 -0.64 -5.13
C ASN C 78 33.40 -1.30 -6.27
N GLU C 79 32.73 -1.74 -7.34
CA GLU C 79 33.46 -2.10 -8.54
C GLU C 79 33.96 -0.82 -9.22
N ASP C 80 35.07 -0.94 -9.95
CA ASP C 80 35.92 0.22 -10.23
C ASP C 80 35.98 0.63 -11.69
N GLY C 81 35.64 -0.26 -12.63
CA GLY C 81 35.72 0.13 -14.03
C GLY C 81 34.63 1.13 -14.37
N ILE C 82 35.03 2.16 -15.13
CA ILE C 82 34.09 3.21 -15.51
C ILE C 82 32.92 2.65 -16.29
N VAL C 83 33.18 1.68 -17.17
CA VAL C 83 32.13 1.08 -17.97
C VAL C 83 31.11 0.36 -17.11
N ASN C 84 31.46 -0.04 -15.90
CA ASN C 84 30.50 -0.66 -15.00
C ASN C 84 29.63 0.37 -14.28
N SER C 85 29.87 1.66 -14.48
CA SER C 85 29.00 2.72 -13.98
C SER C 85 28.01 3.21 -15.03
N LEU C 86 28.47 3.45 -16.26
CA LEU C 86 27.59 3.96 -17.30
C LEU C 86 26.49 2.96 -17.64
N ALA C 87 25.36 3.50 -18.10
CA ALA C 87 24.22 2.69 -18.53
C ALA C 87 24.57 1.82 -19.72
N LYS C 88 23.86 0.69 -19.84
CA LYS C 88 24.01 -0.23 -20.95
C LYS C 88 22.98 0.03 -22.04
N ASP C 89 23.42 0.00 -23.29
CA ASP C 89 22.53 -0.07 -24.45
C ASP C 89 22.22 -1.55 -24.72
N LYS C 90 20.99 -1.96 -24.45
CA LYS C 90 20.60 -3.35 -24.58
C LYS C 90 20.35 -3.80 -26.01
N SER C 91 20.61 -2.95 -27.01
CA SER C 91 20.81 -3.46 -28.36
C SER C 91 22.22 -4.01 -28.59
N GLY C 92 23.15 -3.73 -27.68
CA GLY C 92 24.51 -4.23 -27.79
C GLY C 92 25.39 -3.39 -28.71
N GLY C 100 29.15 -2.66 -24.46
CA GLY C 100 27.73 -2.52 -24.17
C GLY C 100 27.34 -1.13 -23.70
N SER C 101 28.29 -0.21 -23.69
CA SER C 101 28.01 1.14 -23.20
C SER C 101 27.06 1.87 -24.15
N ALA C 102 26.07 2.54 -23.58
CA ALA C 102 25.23 3.45 -24.35
C ALA C 102 25.96 4.73 -24.74
N HIS C 103 27.14 4.98 -24.17
CA HIS C 103 27.96 6.13 -24.52
C HIS C 103 29.22 5.68 -25.23
N GLN C 104 29.58 6.36 -26.31
CA GLN C 104 30.83 6.10 -27.01
C GLN C 104 31.44 7.41 -27.49
N ILE C 105 32.76 7.38 -27.69
CA ILE C 105 33.53 8.51 -28.20
C ILE C 105 34.11 8.16 -29.57
N ASP C 106 33.81 9.00 -30.56
CA ASP C 106 34.42 8.87 -31.89
C ASP C 106 35.77 9.57 -31.90
N THR C 107 36.75 8.90 -31.30
CA THR C 107 37.96 9.58 -30.82
C THR C 107 38.69 10.31 -31.94
N THR C 108 38.63 9.79 -33.17
CA THR C 108 39.31 10.43 -34.29
C THR C 108 38.59 11.68 -34.81
N ASN C 109 37.34 11.91 -34.39
CA ASN C 109 36.54 12.99 -34.96
C ASN C 109 35.83 13.79 -33.86
N HIS C 110 36.35 13.72 -32.63
CA HIS C 110 36.02 14.68 -31.58
C HIS C 110 34.55 14.70 -31.19
N LYS C 111 33.84 13.58 -31.29
CA LYS C 111 32.39 13.59 -31.13
C LYS C 111 31.98 12.58 -30.08
N LEU C 112 31.09 12.99 -29.18
CA LEU C 112 30.48 12.12 -28.19
C LEU C 112 29.05 11.81 -28.59
N ILE C 113 28.66 10.53 -28.52
CA ILE C 113 27.34 10.07 -28.94
C ILE C 113 26.71 9.20 -27.86
N SER C 114 25.48 9.53 -27.46
CA SER C 114 24.66 8.75 -26.54
C SER C 114 23.39 8.29 -27.24
N THR C 115 23.11 6.97 -27.23
CA THR C 115 22.06 6.36 -28.02
C THR C 115 21.04 5.67 -27.13
N PHE C 116 19.77 5.68 -27.55
CA PHE C 116 18.71 4.87 -26.95
C PHE C 116 17.85 4.21 -28.02
N THR C 117 17.53 2.92 -27.82
CA THR C 117 16.65 2.16 -28.69
C THR C 117 15.43 1.63 -27.93
N PRO C 118 14.20 1.99 -28.31
CA PRO C 118 13.02 1.50 -27.60
C PRO C 118 12.93 -0.03 -27.60
N SER C 119 12.40 -0.57 -26.50
CA SER C 119 12.34 -2.03 -26.33
C SER C 119 11.43 -2.69 -27.35
N ASN C 120 10.41 -1.98 -27.85
CA ASN C 120 9.53 -2.52 -28.88
C ASN C 120 10.12 -2.41 -30.28
N GLY C 121 11.32 -1.86 -30.43
CA GLY C 121 11.93 -1.72 -31.73
C GLY C 121 11.46 -0.54 -32.54
N GLY C 122 10.78 0.43 -31.91
CA GLY C 122 10.46 1.67 -32.57
C GLY C 122 11.69 2.52 -32.85
N GLN C 123 11.41 3.77 -33.22
CA GLN C 123 12.45 4.69 -33.67
C GLN C 123 13.42 5.06 -32.54
N ALA C 124 14.72 4.96 -32.84
CA ALA C 124 15.79 5.33 -31.93
C ALA C 124 15.97 6.83 -31.83
N THR C 125 16.60 7.27 -30.73
CA THR C 125 16.97 8.66 -30.52
C THR C 125 18.44 8.77 -30.15
N VAL C 126 19.12 9.78 -30.68
CA VAL C 126 20.54 10.00 -30.46
C VAL C 126 20.79 11.43 -29.98
N LEU C 127 21.66 11.57 -28.98
CA LEU C 127 22.16 12.87 -28.53
C LEU C 127 23.62 13.06 -28.94
N THR C 128 23.94 14.24 -29.46
CA THR C 128 25.26 14.55 -29.98
C THR C 128 25.92 15.67 -29.18
N TYR C 129 27.24 15.57 -29.00
CA TYR C 129 28.05 16.71 -28.61
C TYR C 129 29.43 16.58 -29.24
N ASP C 130 30.04 17.71 -29.58
CA ASP C 130 31.43 17.74 -30.01
C ASP C 130 32.11 19.01 -29.53
N TRP C 131 33.40 18.90 -29.22
CA TRP C 131 34.17 20.00 -28.67
C TRP C 131 35.06 20.69 -29.69
N SER C 132 35.13 20.17 -30.91
CA SER C 132 35.85 20.85 -31.98
C SER C 132 35.13 22.14 -32.39
N ALA C 133 35.86 22.96 -33.15
CA ALA C 133 35.32 24.23 -33.62
C ALA C 133 34.08 24.06 -34.50
N ASN C 134 33.92 22.89 -35.12
CA ASN C 134 32.73 22.65 -35.94
C ASN C 134 31.45 22.55 -35.11
N GLY C 135 31.53 22.72 -33.79
CA GLY C 135 30.36 22.75 -32.94
C GLY C 135 29.59 24.07 -32.93
N VAL C 136 29.92 24.99 -33.83
CA VAL C 136 29.30 26.30 -33.87
C VAL C 136 29.04 26.68 -35.33
N ASN C 137 27.91 27.35 -35.57
CA ASN C 137 27.58 27.87 -36.90
C ASN C 137 26.79 29.16 -36.76
N SER C 138 26.77 29.93 -37.84
CA SER C 138 26.03 31.19 -37.89
C SER C 138 24.52 30.93 -37.81
N PHE D 1 -30.79 -37.73 11.29
CA PHE D 1 -30.06 -36.51 11.78
C PHE D 1 -28.55 -36.69 11.92
N THR D 2 -28.11 -37.72 12.64
CA THR D 2 -26.73 -37.76 13.10
C THR D 2 -25.75 -37.50 11.95
N LEU D 3 -26.04 -38.02 10.76
CA LEU D 3 -25.07 -37.91 9.69
C LEU D 3 -25.05 -36.52 9.05
N VAL D 4 -26.16 -35.77 9.10
CA VAL D 4 -26.11 -34.40 8.59
C VAL D 4 -25.51 -33.44 9.59
N GLU D 5 -25.40 -33.83 10.86
CA GLU D 5 -24.35 -33.24 11.71
C GLU D 5 -22.99 -33.68 11.20
N LEU D 6 -22.73 -34.98 11.21
CA LEU D 6 -21.42 -35.52 10.90
C LEU D 6 -20.77 -34.78 9.73
N ILE D 7 -21.48 -34.66 8.61
CA ILE D 7 -20.82 -34.12 7.43
C ILE D 7 -20.36 -32.69 7.68
N VAL D 8 -21.25 -31.80 8.13
CA VAL D 8 -20.84 -30.42 8.29
C VAL D 8 -19.88 -30.26 9.46
N VAL D 9 -20.07 -31.04 10.52
CA VAL D 9 -19.25 -30.90 11.72
C VAL D 9 -17.80 -31.30 11.44
N ILE D 10 -17.60 -32.38 10.68
CA ILE D 10 -16.24 -32.86 10.45
C ILE D 10 -15.80 -32.58 9.01
N ILE D 11 -16.50 -33.18 8.04
CA ILE D 11 -15.93 -33.38 6.72
C ILE D 11 -15.72 -32.05 6.01
N ILE D 12 -16.81 -31.30 5.81
CA ILE D 12 -16.72 -30.12 4.96
C ILE D 12 -15.90 -29.03 5.63
N ILE D 13 -16.06 -28.87 6.95
CA ILE D 13 -15.25 -27.88 7.66
C ILE D 13 -13.77 -28.24 7.59
N ALA D 14 -13.42 -29.51 7.76
CA ALA D 14 -12.02 -29.90 7.68
C ALA D 14 -11.46 -29.66 6.29
N ILE D 15 -12.25 -29.94 5.25
CA ILE D 15 -11.77 -29.74 3.90
C ILE D 15 -11.57 -28.25 3.61
N ILE D 16 -12.54 -27.42 3.97
CA ILE D 16 -12.54 -26.02 3.56
C ILE D 16 -11.58 -25.19 4.39
N ALA D 17 -11.52 -25.43 5.71
CA ALA D 17 -10.78 -24.55 6.61
C ALA D 17 -9.26 -24.70 6.48
N ALA D 18 -8.76 -25.88 6.16
CA ALA D 18 -7.31 -26.14 6.21
C ALA D 18 -6.61 -25.85 4.87
N VAL D 19 -6.89 -24.69 4.28
CA VAL D 19 -6.06 -24.21 3.16
C VAL D 19 -4.73 -23.69 3.69
N ALA D 20 -3.72 -23.68 2.80
CA ALA D 20 -2.38 -23.26 3.14
C ALA D 20 -2.30 -21.77 3.49
N ILE D 21 -1.35 -21.42 4.35
CA ILE D 21 -1.21 -20.07 4.91
C ILE D 21 0.06 -19.43 4.36
N PRO D 22 -0.04 -18.24 3.75
CA PRO D 22 1.18 -17.49 3.37
C PRO D 22 2.00 -17.05 4.56
N ALA D 23 3.33 -17.04 4.39
CA ALA D 23 4.24 -16.62 5.45
C ALA D 23 4.33 -15.09 5.46
N ILE D 24 4.04 -14.49 6.63
CA ILE D 24 3.98 -13.04 6.77
C ILE D 24 5.33 -12.33 6.70
N THR D 25 6.44 -13.05 6.87
CA THR D 25 7.76 -12.42 6.83
C THR D 25 8.28 -12.15 5.42
N SER D 26 8.28 -13.18 4.57
CA SER D 26 9.06 -13.13 3.33
C SER D 26 8.59 -12.05 2.36
N PHE D 27 7.33 -11.62 2.42
CA PHE D 27 6.86 -10.52 1.60
C PHE D 27 7.40 -9.13 2.00
N GLN D 28 8.02 -8.97 3.17
CA GLN D 28 8.53 -7.67 3.61
C GLN D 28 9.88 -7.27 3.01
N ASP D 29 10.65 -8.24 2.51
CA ASP D 29 12.06 -8.03 2.22
C ASP D 29 12.27 -6.98 1.15
N ASN D 30 11.47 -7.00 0.09
CA ASN D 30 11.62 -6.00 -0.98
C ASN D 30 11.32 -4.57 -0.51
N ALA D 31 10.40 -4.41 0.44
CA ALA D 31 10.14 -3.07 0.98
C ALA D 31 11.30 -2.55 1.81
N ARG D 32 11.86 -3.42 2.66
CA ARG D 32 13.04 -3.01 3.42
C ARG D 32 14.22 -2.69 2.48
N LYS D 33 14.51 -3.61 1.57
CA LYS D 33 15.55 -3.41 0.56
C LYS D 33 15.41 -2.10 -0.20
N SER D 34 14.17 -1.72 -0.57
CA SER D 34 13.98 -0.43 -1.25
C SER D 34 14.27 0.78 -0.36
N ARG D 35 13.66 0.82 0.82
CA ARG D 35 13.82 2.03 1.62
C ARG D 35 15.27 2.25 2.05
N ILE D 36 16.03 1.17 2.21
CA ILE D 36 17.48 1.32 2.43
C ILE D 36 18.13 2.14 1.32
N GLN D 37 17.90 1.76 0.06
CA GLN D 37 18.53 2.48 -1.04
C GLN D 37 18.10 3.94 -1.10
N SER D 38 16.81 4.21 -0.90
CA SER D 38 16.36 5.59 -1.00
C SER D 38 16.98 6.48 0.08
N GLU D 39 17.15 5.94 1.29
CA GLU D 39 17.82 6.70 2.33
C GLU D 39 19.31 6.86 2.04
N HIS D 40 19.94 5.83 1.46
CA HIS D 40 21.34 5.97 1.09
C HIS D 40 21.56 7.13 0.12
N ARG D 41 20.81 7.15 -0.97
CA ARG D 41 20.99 8.23 -1.95
C ARG D 41 20.71 9.61 -1.34
N GLU D 42 19.74 9.72 -0.43
CA GLU D 42 19.53 11.05 0.14
C GLU D 42 20.59 11.46 1.17
N LEU D 43 21.17 10.50 1.89
CA LEU D 43 22.33 10.81 2.73
C LEU D 43 23.54 11.24 1.91
N VAL D 44 23.77 10.61 0.75
CA VAL D 44 24.86 11.07 -0.11
C VAL D 44 24.64 12.50 -0.56
N SER D 45 23.42 12.84 -0.98
CA SER D 45 23.15 14.23 -1.38
C SER D 45 23.37 15.21 -0.23
N ALA D 46 23.01 14.82 0.99
CA ALA D 46 23.23 15.71 2.12
C ALA D 46 24.71 15.92 2.42
N ILE D 47 25.49 14.84 2.56
CA ILE D 47 26.91 15.04 2.88
C ILE D 47 27.62 15.80 1.76
N GLN D 48 27.23 15.53 0.51
CA GLN D 48 27.79 16.23 -0.64
C GLN D 48 27.36 17.69 -0.68
N SER D 49 26.36 18.09 0.10
CA SER D 49 26.08 19.51 0.25
C SER D 49 26.69 20.09 1.53
N TYR D 50 27.05 19.24 2.49
CA TYR D 50 27.73 19.71 3.69
C TYR D 50 29.16 20.13 3.41
N ILE D 51 29.86 19.38 2.54
CA ILE D 51 31.25 19.74 2.24
C ILE D 51 31.35 21.12 1.59
N GLY D 52 30.47 21.42 0.64
CA GLY D 52 30.49 22.71 -0.05
C GLY D 52 30.19 23.94 0.79
N ALA D 53 29.74 23.78 2.04
CA ALA D 53 29.51 24.93 2.91
C ALA D 53 30.72 25.32 3.75
N GLN D 54 31.74 24.48 3.86
CA GLN D 54 32.81 24.72 4.82
C GLN D 54 33.65 25.95 4.46
N ASP D 55 34.40 26.42 5.46
CA ASP D 55 35.31 27.54 5.25
C ASP D 55 36.48 27.15 4.34
N ASP D 56 36.91 25.91 4.39
CA ASP D 56 38.04 25.43 3.59
C ASP D 56 37.62 24.15 2.89
N PRO D 57 36.96 24.24 1.74
CA PRO D 57 36.43 23.04 1.11
C PRO D 57 37.49 22.04 0.63
N THR D 58 38.76 22.29 0.90
CA THR D 58 39.78 21.27 0.66
C THR D 58 40.02 20.37 1.86
N ASN D 59 39.56 20.76 3.06
CA ASN D 59 39.80 19.99 4.27
C ASN D 59 38.63 20.19 5.25
N PRO D 60 37.49 19.57 4.97
CA PRO D 60 36.43 19.52 6.00
C PRO D 60 36.94 18.79 7.23
N SER D 61 36.76 19.42 8.40
CA SER D 61 37.46 18.95 9.59
C SER D 61 37.15 17.49 9.89
N GLU D 62 35.86 17.14 9.97
CA GLU D 62 35.46 15.76 10.17
C GLU D 62 33.98 15.66 9.84
N ILE D 63 33.53 14.44 9.55
CA ILE D 63 32.11 14.19 9.30
C ILE D 63 31.66 12.99 10.11
N THR D 64 30.68 13.22 10.98
CA THR D 64 29.90 12.17 11.61
C THR D 64 28.47 12.68 11.64
N LEU D 65 27.52 11.75 11.56
CA LEU D 65 26.18 12.13 11.13
C LEU D 65 25.45 13.00 12.14
N ALA D 66 25.95 13.09 13.37
CA ALA D 66 25.44 14.10 14.29
C ALA D 66 25.66 15.51 13.74
N LYS D 67 26.79 15.75 13.07
CA LYS D 67 27.01 17.01 12.38
C LYS D 67 26.10 17.15 11.17
N LEU D 68 25.79 16.04 10.50
CA LEU D 68 24.90 16.00 9.33
C LEU D 68 23.43 16.11 9.70
N ALA D 69 23.10 16.09 10.98
CA ALA D 69 21.70 15.98 11.39
C ALA D 69 20.76 17.05 10.84
N PRO D 70 21.09 18.35 10.80
CA PRO D 70 20.07 19.36 10.49
C PRO D 70 19.62 19.42 9.04
N TYR D 71 20.10 18.54 8.16
CA TYR D 71 19.69 18.52 6.77
C TYR D 71 18.48 17.64 6.48
N MET D 72 17.95 16.92 7.47
CA MET D 72 16.74 16.13 7.29
C MET D 72 15.76 16.47 8.38
N SER D 73 14.47 16.54 8.01
CA SER D 73 13.42 16.97 8.93
C SER D 73 13.02 15.86 9.88
N LYS D 74 12.47 16.27 11.04
CA LYS D 74 12.12 15.34 12.09
C LYS D 74 10.96 14.44 11.70
N ASN D 75 11.07 13.17 12.09
CA ASN D 75 10.09 12.14 11.74
C ASN D 75 8.71 12.45 12.32
N ALA D 76 7.72 11.76 11.76
CA ALA D 76 6.39 11.69 12.38
C ALA D 76 6.47 11.13 13.79
N LYS D 77 5.58 11.61 14.66
CA LYS D 77 5.62 11.51 16.11
C LYS D 77 6.74 12.34 16.72
N ASN D 78 7.46 13.13 15.91
CA ASN D 78 8.35 14.17 16.39
C ASN D 78 9.46 13.68 17.32
N GLU D 79 9.94 12.45 17.11
CA GLU D 79 11.08 11.94 17.89
C GLU D 79 12.35 12.53 17.28
N ASP D 80 12.64 13.76 17.69
CA ASP D 80 13.59 14.63 17.00
C ASP D 80 15.04 14.27 17.33
N GLY D 81 15.42 13.07 16.91
CA GLY D 81 16.82 12.75 16.67
C GLY D 81 16.98 12.03 15.34
N ILE D 82 18.10 12.30 14.68
CA ILE D 82 18.29 11.78 13.33
C ILE D 82 18.25 10.26 13.31
N VAL D 83 18.86 9.61 14.30
CA VAL D 83 18.91 8.15 14.32
C VAL D 83 17.51 7.55 14.45
N ASN D 84 16.56 8.30 15.00
CA ASN D 84 15.17 7.85 15.03
C ASN D 84 14.56 7.77 13.63
N SER D 85 15.09 8.51 12.67
CA SER D 85 14.51 8.57 11.33
C SER D 85 15.08 7.51 10.37
N LEU D 86 16.33 7.10 10.54
CA LEU D 86 16.91 6.15 9.60
C LEU D 86 16.52 4.71 9.92
N ALA D 87 16.56 3.88 8.88
CA ALA D 87 16.25 2.46 8.96
C ALA D 87 17.14 1.73 9.97
N LYS D 88 16.59 0.66 10.53
CA LYS D 88 17.22 -0.13 11.58
C LYS D 88 17.50 -1.55 11.12
N ASP D 89 18.60 -2.12 11.61
CA ASP D 89 18.86 -3.55 11.47
C ASP D 89 19.83 -3.94 12.57
N LYS D 90 19.31 -4.65 13.58
CA LYS D 90 20.15 -5.09 14.70
C LYS D 90 21.23 -6.08 14.29
N SER D 91 21.12 -6.69 13.11
CA SER D 91 22.17 -7.58 12.62
C SER D 91 23.24 -6.86 11.81
N GLY D 92 23.09 -5.56 11.57
CA GLY D 92 24.07 -4.81 10.80
C GLY D 92 25.44 -4.78 11.45
N GLY D 100 21.82 1.15 16.25
CA GLY D 100 21.17 0.13 15.45
C GLY D 100 20.97 0.53 14.00
N SER D 101 21.50 1.70 13.63
CA SER D 101 21.31 2.20 12.28
C SER D 101 21.84 1.21 11.25
N ALA D 102 21.11 1.07 10.14
CA ALA D 102 21.60 0.31 9.00
C ALA D 102 22.66 1.06 8.21
N HIS D 103 22.88 2.35 8.47
CA HIS D 103 23.93 3.13 7.84
C HIS D 103 25.02 3.43 8.86
N GLN D 104 26.27 3.33 8.42
CA GLN D 104 27.43 3.57 9.28
C GLN D 104 28.45 4.45 8.57
N ILE D 105 29.07 5.35 9.33
CA ILE D 105 30.11 6.25 8.84
C ILE D 105 31.45 5.83 9.43
N ASP D 106 32.45 5.67 8.56
CA ASP D 106 33.82 5.39 8.98
C ASP D 106 34.61 6.69 8.90
N THR D 107 34.87 7.29 10.07
CA THR D 107 35.64 8.53 10.13
C THR D 107 37.11 8.33 9.79
N THR D 108 37.64 7.12 9.94
CA THR D 108 39.04 6.86 9.61
C THR D 108 39.26 6.75 8.11
N ASN D 109 38.30 6.19 7.38
CA ASN D 109 38.42 6.00 5.94
C ASN D 109 37.49 6.90 5.14
N HIS D 110 36.84 7.87 5.79
CA HIS D 110 35.95 8.81 5.11
C HIS D 110 34.82 8.11 4.35
N LYS D 111 34.40 6.94 4.80
CA LYS D 111 33.60 6.03 3.98
C LYS D 111 32.21 5.91 4.60
N LEU D 112 31.18 6.03 3.77
CA LEU D 112 29.80 5.77 4.17
C LEU D 112 29.36 4.39 3.68
N ILE D 113 28.76 3.59 4.56
CA ILE D 113 28.35 2.22 4.26
C ILE D 113 26.87 2.01 4.59
N SER D 114 26.18 1.23 3.75
CA SER D 114 24.86 0.68 4.03
C SER D 114 24.91 -0.84 3.85
N THR D 115 24.07 -1.57 4.61
CA THR D 115 24.11 -3.02 4.57
C THR D 115 22.70 -3.59 4.81
N PHE D 116 22.44 -4.76 4.22
CA PHE D 116 21.17 -5.44 4.35
C PHE D 116 21.35 -6.95 4.21
N THR D 117 20.45 -7.73 4.86
CA THR D 117 20.48 -9.19 4.84
C THR D 117 19.08 -9.80 4.99
N PRO D 118 18.60 -10.59 4.02
CA PRO D 118 17.30 -11.25 4.17
C PRO D 118 17.23 -12.13 5.41
N SER D 119 16.05 -12.15 6.03
CA SER D 119 15.88 -12.79 7.33
C SER D 119 16.14 -14.30 7.27
N ASN D 120 15.94 -14.92 6.12
CA ASN D 120 16.19 -16.36 5.95
C ASN D 120 17.66 -16.72 5.92
N GLY D 121 18.57 -15.76 6.10
CA GLY D 121 19.98 -16.08 6.05
C GLY D 121 20.57 -16.09 4.66
N GLY D 122 19.98 -15.34 3.73
CA GLY D 122 20.51 -15.22 2.39
C GLY D 122 21.78 -14.38 2.33
N GLN D 123 22.29 -14.23 1.11
CA GLN D 123 23.50 -13.46 0.86
C GLN D 123 23.27 -11.98 1.14
N ALA D 124 24.28 -11.32 1.71
CA ALA D 124 24.21 -9.91 2.03
C ALA D 124 24.25 -9.03 0.78
N THR D 125 23.86 -7.76 0.96
CA THR D 125 24.09 -6.69 0.00
C THR D 125 24.74 -5.50 0.69
N VAL D 126 25.72 -4.88 0.02
CA VAL D 126 26.48 -3.77 0.57
C VAL D 126 26.51 -2.61 -0.43
N LEU D 127 26.41 -1.39 0.09
CA LEU D 127 26.55 -0.16 -0.71
C LEU D 127 27.64 0.70 -0.10
N THR D 128 28.29 1.53 -0.94
CA THR D 128 29.39 2.38 -0.48
C THR D 128 29.42 3.69 -1.24
N TYR D 129 29.82 4.75 -0.54
CA TYR D 129 30.17 6.03 -1.15
C TYR D 129 31.39 6.60 -0.42
N ASP D 130 32.26 7.27 -1.18
CA ASP D 130 33.57 7.67 -0.66
C ASP D 130 34.03 8.91 -1.39
N TRP D 131 34.18 10.01 -0.66
CA TRP D 131 34.61 11.28 -1.22
C TRP D 131 36.12 11.47 -1.18
N SER D 132 36.87 10.46 -0.75
CA SER D 132 38.33 10.52 -0.79
C SER D 132 38.82 10.61 -2.23
N ALA D 133 40.07 11.05 -2.38
CA ALA D 133 40.78 10.88 -3.64
C ALA D 133 40.94 9.42 -4.03
N ASN D 134 40.76 8.48 -3.11
CA ASN D 134 40.71 7.06 -3.44
C ASN D 134 39.38 6.62 -4.02
N GLY D 135 38.42 7.51 -4.16
CA GLY D 135 37.05 7.15 -4.50
C GLY D 135 36.71 7.12 -5.97
N VAL D 136 37.69 7.07 -6.88
CA VAL D 136 37.42 7.19 -8.31
C VAL D 136 38.21 6.15 -9.09
N ASN D 137 37.74 5.89 -10.32
CA ASN D 137 38.38 4.95 -11.24
C ASN D 137 38.51 3.57 -10.61
N PHE E 1 -34.38 -44.58 15.68
CA PHE E 1 -34.60 -43.54 16.74
C PHE E 1 -35.06 -44.13 18.07
N THR E 2 -34.22 -43.94 19.08
CA THR E 2 -34.58 -44.26 20.46
C THR E 2 -33.99 -43.15 21.34
N LEU E 3 -34.67 -42.90 22.46
CA LEU E 3 -34.41 -41.69 23.23
C LEU E 3 -32.92 -41.53 23.55
N VAL E 4 -32.27 -42.62 23.98
CA VAL E 4 -30.87 -42.53 24.32
C VAL E 4 -30.02 -42.17 23.12
N GLU E 5 -30.51 -42.44 21.91
CA GLU E 5 -29.87 -41.93 20.70
C GLU E 5 -30.28 -40.49 20.44
N LEU E 6 -31.56 -40.18 20.65
CA LEU E 6 -32.07 -38.87 20.24
C LEU E 6 -31.47 -37.74 21.05
N ILE E 7 -31.03 -38.00 22.29
CA ILE E 7 -30.50 -36.90 23.09
C ILE E 7 -29.07 -36.49 22.68
N VAL E 8 -28.30 -37.42 22.07
CA VAL E 8 -26.96 -37.01 21.67
C VAL E 8 -27.03 -36.01 20.52
N VAL E 9 -28.10 -36.04 19.73
CA VAL E 9 -28.32 -35.00 18.74
C VAL E 9 -28.42 -33.63 19.41
N ILE E 10 -29.04 -33.58 20.60
CA ILE E 10 -29.09 -32.34 21.35
C ILE E 10 -27.68 -31.95 21.80
N ILE E 11 -26.93 -32.92 22.30
CA ILE E 11 -25.61 -32.64 22.87
C ILE E 11 -24.67 -32.08 21.81
N ILE E 12 -24.65 -32.70 20.63
CA ILE E 12 -23.75 -32.27 19.57
C ILE E 12 -24.03 -30.82 19.18
N ILE E 13 -25.32 -30.48 19.06
CA ILE E 13 -25.68 -29.10 18.73
C ILE E 13 -25.21 -28.16 19.83
N ALA E 14 -25.43 -28.55 21.10
CA ALA E 14 -25.02 -27.69 22.19
C ALA E 14 -23.52 -27.42 22.19
N ILE E 15 -22.72 -28.38 21.72
CA ILE E 15 -21.29 -28.12 21.58
C ILE E 15 -21.01 -27.21 20.37
N ILE E 16 -21.52 -27.59 19.20
CA ILE E 16 -21.08 -26.97 17.94
C ILE E 16 -21.55 -25.53 17.81
N ALA E 17 -22.68 -25.16 18.43
CA ALA E 17 -23.11 -23.76 18.40
C ALA E 17 -22.18 -22.79 19.11
N ALA E 18 -21.34 -23.26 20.04
CA ALA E 18 -20.60 -22.39 20.95
C ALA E 18 -19.22 -21.96 20.44
N VAL E 19 -18.99 -21.90 19.13
CA VAL E 19 -17.76 -21.25 18.65
C VAL E 19 -17.76 -19.76 19.01
N ALA E 20 -16.55 -19.19 19.08
CA ALA E 20 -16.35 -17.75 19.16
C ALA E 20 -16.91 -17.04 17.92
N ILE E 21 -17.20 -15.75 18.05
CA ILE E 21 -17.61 -14.91 16.93
C ILE E 21 -16.62 -13.75 16.77
N PRO E 22 -16.01 -13.58 15.59
CA PRO E 22 -15.19 -12.39 15.32
C PRO E 22 -15.99 -11.09 15.32
N ALA E 23 -15.40 -10.03 15.90
CA ALA E 23 -16.02 -8.71 15.98
C ALA E 23 -15.59 -7.84 14.79
N ILE E 24 -16.57 -7.41 13.99
CA ILE E 24 -16.32 -6.72 12.73
C ILE E 24 -15.55 -5.40 12.92
N THR E 25 -15.98 -4.58 13.89
CA THR E 25 -15.52 -3.20 14.00
C THR E 25 -14.02 -3.09 14.25
N SER E 26 -13.45 -4.03 14.99
CA SER E 26 -12.03 -4.00 15.28
C SER E 26 -11.18 -4.32 14.05
N PHE E 27 -11.72 -5.12 13.12
CA PHE E 27 -11.05 -5.25 11.83
C PHE E 27 -11.26 -4.01 10.95
N GLN E 28 -12.43 -3.36 11.04
CA GLN E 28 -12.73 -2.21 10.19
C GLN E 28 -11.78 -1.03 10.45
N ASP E 29 -11.58 -0.69 11.72
CA ASP E 29 -10.79 0.52 11.97
C ASP E 29 -9.29 0.36 11.73
N ASN E 30 -8.77 -0.87 11.72
CA ASN E 30 -7.43 -1.11 11.18
C ASN E 30 -7.29 -0.70 9.71
N ALA E 31 -8.37 -0.74 8.93
CA ALA E 31 -8.35 -0.23 7.56
C ALA E 31 -8.42 1.30 7.51
N ARG E 32 -9.29 1.87 8.32
CA ARG E 32 -9.35 3.33 8.34
C ARG E 32 -8.00 3.94 8.74
N LYS E 33 -7.28 3.28 9.66
CA LYS E 33 -5.89 3.64 9.95
C LYS E 33 -5.00 3.72 8.70
N SER E 34 -5.17 2.79 7.75
CA SER E 34 -4.34 2.84 6.56
C SER E 34 -4.82 3.82 5.49
N ARG E 35 -6.08 4.26 5.55
CA ARG E 35 -6.38 5.48 4.83
C ARG E 35 -5.57 6.64 5.39
N ILE E 36 -5.65 6.87 6.69
CA ILE E 36 -4.97 8.03 7.25
C ILE E 36 -3.49 8.04 6.85
N GLN E 37 -2.80 6.91 7.03
CA GLN E 37 -1.38 6.86 6.66
C GLN E 37 -1.11 7.03 5.16
N SER E 38 -2.05 6.72 4.27
CA SER E 38 -1.77 6.96 2.84
C SER E 38 -2.07 8.41 2.45
N GLU E 39 -3.25 8.88 2.83
CA GLU E 39 -3.70 10.22 2.49
C GLU E 39 -2.74 11.28 3.04
N HIS E 40 -2.21 11.07 4.25
CA HIS E 40 -1.23 12.01 4.78
C HIS E 40 -0.02 12.18 3.84
N ARG E 41 0.54 11.07 3.37
CA ARG E 41 1.71 11.18 2.49
C ARG E 41 1.38 11.79 1.14
N GLU E 42 0.12 11.68 0.69
CA GLU E 42 -0.27 12.47 -0.48
C GLU E 42 -0.33 13.97 -0.17
N LEU E 43 -0.87 14.35 0.99
CA LEU E 43 -0.91 15.77 1.33
C LEU E 43 0.48 16.37 1.52
N VAL E 44 1.42 15.59 2.07
CA VAL E 44 2.82 16.05 2.10
C VAL E 44 3.34 16.31 0.69
N SER E 45 3.08 15.39 -0.25
CA SER E 45 3.54 15.63 -1.61
C SER E 45 2.92 16.88 -2.24
N ALA E 46 1.63 17.11 -1.98
CA ALA E 46 0.98 18.31 -2.51
C ALA E 46 1.55 19.59 -1.89
N ILE E 47 1.64 19.65 -0.56
CA ILE E 47 2.07 20.89 0.08
C ILE E 47 3.54 21.19 -0.24
N GLN E 48 4.36 20.16 -0.39
CA GLN E 48 5.75 20.31 -0.80
C GLN E 48 5.88 20.69 -2.28
N SER E 49 4.86 20.43 -3.09
CA SER E 49 4.89 21.00 -4.44
C SER E 49 4.45 22.46 -4.43
N TYR E 50 3.37 22.76 -3.70
CA TYR E 50 2.84 24.12 -3.71
C TYR E 50 3.86 25.12 -3.22
N ILE E 51 4.61 24.78 -2.15
CA ILE E 51 5.68 25.69 -1.75
C ILE E 51 6.68 25.90 -2.86
N GLY E 52 6.76 24.99 -3.83
CA GLY E 52 7.65 25.15 -4.96
C GLY E 52 7.09 25.92 -6.14
N ALA E 53 5.77 26.02 -6.23
CA ALA E 53 5.14 26.74 -7.33
C ALA E 53 4.85 28.22 -7.05
N GLN E 54 5.03 28.70 -5.82
CA GLN E 54 4.75 30.10 -5.52
C GLN E 54 5.68 31.06 -6.24
N ASP E 55 5.31 32.35 -6.19
CA ASP E 55 6.00 33.40 -6.91
C ASP E 55 7.44 33.58 -6.45
N ASP E 56 7.67 33.45 -5.14
CA ASP E 56 9.02 33.51 -4.58
C ASP E 56 9.13 32.37 -3.58
N PRO E 57 9.69 31.23 -4.00
CA PRO E 57 9.68 30.05 -3.11
C PRO E 57 10.47 30.24 -1.83
N THR E 58 11.31 31.27 -1.73
CA THR E 58 11.98 31.56 -0.48
C THR E 58 11.06 32.26 0.53
N ASN E 59 9.94 32.82 0.06
CA ASN E 59 9.08 33.66 0.90
C ASN E 59 7.62 33.19 0.71
N PRO E 60 7.31 31.98 1.14
CA PRO E 60 5.94 31.46 0.97
C PRO E 60 4.95 32.17 1.89
N SER E 61 3.73 32.36 1.38
CA SER E 61 2.66 32.95 2.16
C SER E 61 1.86 31.88 2.90
N GLU E 62 0.79 32.31 3.56
CA GLU E 62 -0.07 31.39 4.31
C GLU E 62 -0.65 30.31 3.39
N ILE E 63 -0.98 29.17 3.98
CA ILE E 63 -1.54 28.02 3.27
C ILE E 63 -2.82 27.57 3.95
N THR E 64 -3.79 27.15 3.15
CA THR E 64 -4.92 26.38 3.63
C THR E 64 -5.21 25.30 2.58
N LEU E 65 -5.88 24.22 3.00
CA LEU E 65 -6.19 23.18 2.05
C LEU E 65 -7.16 23.67 0.98
N ALA E 66 -7.93 24.72 1.27
CA ALA E 66 -8.71 25.37 0.24
C ALA E 66 -7.79 25.99 -0.81
N LYS E 67 -6.67 26.55 -0.38
CA LYS E 67 -5.66 27.04 -1.32
C LYS E 67 -5.00 25.88 -2.06
N LEU E 68 -4.83 24.74 -1.38
CA LEU E 68 -4.20 23.53 -1.91
C LEU E 68 -5.11 22.73 -2.84
N ALA E 69 -6.38 23.11 -2.96
CA ALA E 69 -7.41 22.27 -3.57
C ALA E 69 -7.07 21.69 -4.94
N PRO E 70 -6.56 22.44 -5.92
CA PRO E 70 -6.46 21.90 -7.29
C PRO E 70 -5.43 20.80 -7.49
N TYR E 71 -4.65 20.42 -6.48
CA TYR E 71 -3.58 19.45 -6.66
C TYR E 71 -4.00 17.99 -6.59
N MET E 72 -5.25 17.67 -6.24
CA MET E 72 -5.66 16.27 -6.28
C MET E 72 -7.13 16.14 -6.68
N SER E 73 -7.42 15.04 -7.36
CA SER E 73 -8.64 14.91 -8.14
C SER E 73 -9.88 14.76 -7.26
N LYS E 74 -11.02 15.18 -7.79
CA LYS E 74 -12.28 15.12 -7.09
C LYS E 74 -12.81 13.68 -7.00
N ASN E 75 -13.61 13.42 -5.98
CA ASN E 75 -14.00 12.08 -5.56
C ASN E 75 -14.90 11.38 -6.59
N ALA E 76 -14.92 10.05 -6.48
CA ALA E 76 -15.49 9.18 -7.51
C ALA E 76 -16.96 9.44 -7.80
N LYS E 77 -17.67 10.13 -6.91
CA LYS E 77 -19.06 10.48 -7.15
C LYS E 77 -19.21 11.82 -7.87
N ASN E 78 -18.11 12.40 -8.33
CA ASN E 78 -18.11 13.72 -8.96
C ASN E 78 -18.65 14.80 -8.03
N GLU E 79 -18.52 14.59 -6.72
CA GLU E 79 -18.72 15.67 -5.77
C GLU E 79 -17.52 16.62 -5.86
N ASP E 80 -17.75 17.89 -5.54
CA ASP E 80 -16.93 18.97 -6.10
C ASP E 80 -16.26 19.76 -4.98
N GLY E 81 -15.98 19.11 -3.85
CA GLY E 81 -15.19 19.77 -2.83
C GLY E 81 -14.16 18.85 -2.19
N ILE E 82 -12.94 19.38 -2.00
CA ILE E 82 -11.83 18.55 -1.52
C ILE E 82 -12.16 17.92 -0.18
N VAL E 83 -12.84 18.66 0.70
CA VAL E 83 -13.13 18.17 2.05
C VAL E 83 -13.94 16.88 2.01
N ASN E 84 -14.77 16.69 0.98
CA ASN E 84 -15.53 15.45 0.88
C ASN E 84 -14.64 14.25 0.56
N SER E 85 -13.50 14.46 -0.08
CA SER E 85 -12.64 13.34 -0.46
C SER E 85 -11.83 12.80 0.72
N LEU E 86 -11.35 13.68 1.59
CA LEU E 86 -10.45 13.27 2.65
C LEU E 86 -11.19 12.51 3.75
N ALA E 87 -10.47 11.57 4.38
CA ALA E 87 -11.02 10.73 5.42
C ALA E 87 -11.51 11.55 6.62
N LYS E 88 -12.34 10.90 7.44
CA LYS E 88 -13.06 11.55 8.52
C LYS E 88 -12.77 10.87 9.86
N ASP E 89 -12.74 11.66 10.92
CA ASP E 89 -12.48 11.13 12.26
C ASP E 89 -13.23 11.96 13.31
N LYS E 90 -13.63 11.28 14.39
CA LYS E 90 -14.36 11.94 15.47
C LYS E 90 -13.56 13.05 16.15
N SER E 91 -12.23 13.06 16.02
CA SER E 91 -11.44 14.16 16.54
C SER E 91 -11.56 15.43 15.70
N GLY E 92 -12.32 15.40 14.61
CA GLY E 92 -12.53 16.60 13.81
C GLY E 92 -13.23 17.69 14.57
N GLY E 100 -15.20 17.55 10.26
CA GLY E 100 -14.89 16.18 10.61
C GLY E 100 -13.61 15.66 9.97
N SER E 101 -12.89 16.55 9.29
CA SER E 101 -11.70 16.13 8.57
C SER E 101 -10.64 15.60 9.54
N ALA E 102 -10.03 14.47 9.18
CA ALA E 102 -8.90 13.96 9.93
C ALA E 102 -7.64 14.80 9.71
N HIS E 103 -7.61 15.65 8.69
CA HIS E 103 -6.45 16.47 8.38
C HIS E 103 -6.80 17.94 8.61
N GLN E 104 -5.91 18.66 9.28
CA GLN E 104 -6.10 20.10 9.46
C GLN E 104 -4.75 20.82 9.48
N ILE E 105 -4.75 22.05 9.00
CA ILE E 105 -3.56 22.89 8.90
C ILE E 105 -3.66 24.03 9.90
N ASP E 106 -2.58 24.25 10.66
CA ASP E 106 -2.44 25.43 11.51
C ASP E 106 -1.89 26.58 10.67
N THR E 107 -2.76 27.56 10.38
CA THR E 107 -2.40 28.64 9.46
C THR E 107 -1.29 29.52 10.01
N THR E 108 -1.15 29.62 11.33
CA THR E 108 -0.17 30.53 11.92
C THR E 108 1.14 29.85 12.30
N ASN E 109 1.08 28.59 12.74
CA ASN E 109 2.30 27.85 13.09
C ASN E 109 2.79 26.98 11.94
N HIS E 110 2.11 27.00 10.80
CA HIS E 110 2.61 26.39 9.57
C HIS E 110 2.79 24.88 9.70
N LYS E 111 1.84 24.21 10.33
CA LYS E 111 2.00 22.81 10.71
C LYS E 111 0.82 22.00 10.17
N LEU E 112 1.11 20.81 9.65
CA LEU E 112 0.09 19.86 9.19
C LEU E 112 -0.08 18.74 10.21
N ILE E 113 -1.32 18.47 10.62
CA ILE E 113 -1.61 17.47 11.65
C ILE E 113 -2.69 16.52 11.16
N SER E 114 -2.40 15.21 11.26
CA SER E 114 -3.37 14.14 11.00
C SER E 114 -3.59 13.34 12.28
N THR E 115 -4.85 13.10 12.65
CA THR E 115 -5.20 12.41 13.90
C THR E 115 -6.08 11.20 13.63
N PHE E 116 -5.86 10.13 14.40
CA PHE E 116 -6.67 8.90 14.33
C PHE E 116 -7.12 8.48 15.73
N THR E 117 -8.42 8.20 15.88
CA THR E 117 -9.00 7.82 17.17
C THR E 117 -9.57 6.40 17.13
N PRO E 118 -9.09 5.47 17.96
CA PRO E 118 -9.64 4.11 17.93
C PRO E 118 -11.11 4.06 18.34
N SER E 119 -11.85 3.13 17.73
CA SER E 119 -13.28 3.05 17.98
C SER E 119 -13.59 2.64 19.42
N ASN E 120 -12.72 1.85 20.04
CA ASN E 120 -12.96 1.39 21.41
C ASN E 120 -12.56 2.41 22.46
N GLY E 121 -12.14 3.62 22.07
CA GLY E 121 -11.72 4.62 23.02
C GLY E 121 -10.31 4.44 23.56
N GLY E 122 -9.49 3.61 22.93
CA GLY E 122 -8.10 3.47 23.30
C GLY E 122 -7.25 4.68 22.92
N GLN E 123 -5.95 4.48 23.06
CA GLN E 123 -4.96 5.55 22.88
C GLN E 123 -4.92 6.04 21.43
N ALA E 124 -4.92 7.37 21.26
CA ALA E 124 -4.92 8.00 19.95
C ALA E 124 -3.57 7.81 19.26
N THR E 125 -3.51 8.22 17.98
CA THR E 125 -2.27 8.32 17.20
C THR E 125 -2.30 9.58 16.35
N VAL E 126 -1.14 10.24 16.24
CA VAL E 126 -1.01 11.50 15.51
C VAL E 126 0.20 11.45 14.58
N LEU E 127 0.04 12.01 13.38
CA LEU E 127 1.12 12.24 12.42
C LEU E 127 1.29 13.74 12.19
N THR E 128 2.52 14.17 11.90
CA THR E 128 2.82 15.59 11.80
C THR E 128 3.93 15.85 10.79
N TYR E 129 3.86 17.01 10.14
CA TYR E 129 4.90 17.52 9.25
C TYR E 129 4.94 19.03 9.38
N ASP E 130 6.13 19.61 9.20
CA ASP E 130 6.34 21.03 9.49
C ASP E 130 7.40 21.58 8.53
N TRP E 131 6.99 22.42 7.59
CA TRP E 131 7.89 22.93 6.56
C TRP E 131 8.66 24.17 6.99
N SER E 132 8.32 24.80 8.12
CA SER E 132 8.81 26.14 8.44
C SER E 132 10.09 26.12 9.29
N ALA E 133 11.17 25.66 8.66
CA ALA E 133 12.52 25.86 9.19
C ALA E 133 12.73 25.27 10.59
N ASN E 134 12.02 24.20 10.96
CA ASN E 134 12.24 23.65 12.29
C ASN E 134 13.33 22.57 12.30
N GLY E 135 13.42 21.76 11.26
CA GLY E 135 14.58 20.89 11.10
C GLY E 135 14.73 19.87 12.22
N VAL E 136 15.97 19.47 12.48
CA VAL E 136 16.27 18.43 13.45
C VAL E 136 17.48 18.86 14.28
N ASN E 137 17.48 18.45 15.55
CA ASN E 137 18.60 18.70 16.46
C ASN E 137 19.07 20.15 16.38
N PHE F 1 -44.62 -50.87 30.73
CA PHE F 1 -43.65 -49.77 31.10
C PHE F 1 -43.12 -48.91 29.93
N THR F 2 -42.95 -49.50 28.75
CA THR F 2 -42.24 -48.80 27.68
C THR F 2 -43.07 -47.74 26.98
N LEU F 3 -44.41 -47.86 27.02
CA LEU F 3 -45.25 -47.04 26.16
C LEU F 3 -45.08 -45.55 26.44
N VAL F 4 -44.85 -45.18 27.71
CA VAL F 4 -44.58 -43.78 28.03
C VAL F 4 -43.31 -43.32 27.34
N GLU F 5 -42.28 -44.17 27.32
CA GLU F 5 -41.06 -43.83 26.60
C GLU F 5 -41.35 -43.56 25.13
N LEU F 6 -42.17 -44.42 24.52
CA LEU F 6 -42.42 -44.29 23.09
C LEU F 6 -43.17 -43.00 22.78
N ILE F 7 -44.20 -42.67 23.58
CA ILE F 7 -44.92 -41.43 23.29
C ILE F 7 -44.05 -40.21 23.58
N VAL F 8 -43.14 -40.29 24.56
CA VAL F 8 -42.18 -39.20 24.77
C VAL F 8 -41.37 -38.96 23.51
N VAL F 9 -40.86 -40.04 22.91
CA VAL F 9 -40.12 -39.92 21.66
C VAL F 9 -40.99 -39.24 20.60
N ILE F 10 -42.26 -39.68 20.50
CA ILE F 10 -43.13 -39.14 19.45
C ILE F 10 -43.36 -37.64 19.63
N ILE F 11 -43.28 -37.15 20.87
CA ILE F 11 -43.44 -35.71 21.10
C ILE F 11 -42.16 -34.95 20.71
N ILE F 12 -41.01 -35.42 21.20
CA ILE F 12 -39.79 -34.64 20.97
C ILE F 12 -39.43 -34.63 19.49
N ILE F 13 -39.67 -35.74 18.79
CA ILE F 13 -39.46 -35.76 17.34
C ILE F 13 -40.30 -34.69 16.67
N ALA F 14 -41.50 -34.44 17.20
CA ALA F 14 -42.33 -33.40 16.62
C ALA F 14 -41.71 -32.02 16.83
N ILE F 15 -41.32 -31.70 18.06
CA ILE F 15 -41.00 -30.29 18.30
C ILE F 15 -39.59 -29.91 17.83
N ILE F 16 -38.65 -30.84 17.72
CA ILE F 16 -37.32 -30.42 17.25
C ILE F 16 -37.23 -30.30 15.72
N ALA F 17 -38.18 -30.88 14.98
CA ALA F 17 -38.23 -30.75 13.52
C ALA F 17 -38.70 -29.37 13.02
N ALA F 18 -39.34 -28.56 13.86
CA ALA F 18 -39.88 -27.27 13.43
C ALA F 18 -38.83 -26.19 13.20
N VAL F 19 -37.56 -26.44 13.50
CA VAL F 19 -36.52 -25.41 13.41
C VAL F 19 -36.53 -24.76 12.03
N ALA F 20 -36.47 -23.42 12.03
CA ALA F 20 -36.48 -22.62 10.80
C ALA F 20 -35.24 -22.85 9.94
N ILE F 21 -35.41 -22.71 8.64
CA ILE F 21 -34.39 -23.01 7.65
C ILE F 21 -33.99 -21.73 6.92
N PRO F 22 -32.70 -21.40 6.82
CA PRO F 22 -32.28 -20.21 6.06
C PRO F 22 -32.56 -20.32 4.57
N ALA F 23 -32.58 -19.16 3.89
CA ALA F 23 -32.80 -19.06 2.45
C ALA F 23 -31.50 -18.94 1.66
N ILE F 24 -31.34 -19.79 0.65
CA ILE F 24 -30.18 -19.79 -0.24
C ILE F 24 -30.17 -18.55 -1.13
N THR F 25 -28.99 -18.25 -1.68
CA THR F 25 -28.75 -17.17 -2.64
C THR F 25 -28.98 -15.77 -2.07
N SER F 26 -29.20 -15.64 -0.77
CA SER F 26 -29.61 -14.36 -0.19
C SER F 26 -28.50 -13.31 -0.20
N PHE F 27 -27.29 -13.68 0.23
CA PHE F 27 -26.15 -12.77 0.23
C PHE F 27 -25.33 -12.74 -1.06
N GLN F 28 -25.52 -13.72 -1.95
CA GLN F 28 -24.63 -13.97 -3.08
C GLN F 28 -24.35 -12.71 -3.93
N ASP F 29 -25.35 -11.89 -4.19
CA ASP F 29 -25.26 -10.80 -5.16
C ASP F 29 -24.14 -9.79 -4.92
N ASN F 30 -23.93 -9.33 -3.68
CA ASN F 30 -23.00 -8.23 -3.43
C ASN F 30 -21.51 -8.57 -3.58
N ALA F 31 -21.15 -9.84 -3.77
CA ALA F 31 -19.79 -10.12 -4.20
C ALA F 31 -19.49 -9.50 -5.56
N ARG F 32 -20.47 -9.48 -6.46
CA ARG F 32 -20.23 -8.90 -7.78
C ARG F 32 -19.95 -7.40 -7.66
N LYS F 33 -20.70 -6.70 -6.81
CA LYS F 33 -20.40 -5.31 -6.46
C LYS F 33 -18.97 -5.13 -5.94
N SER F 34 -18.50 -6.06 -5.11
CA SER F 34 -17.11 -6.01 -4.67
C SER F 34 -16.11 -6.22 -5.81
N ARG F 35 -16.39 -7.14 -6.71
CA ARG F 35 -15.55 -7.30 -7.89
C ARG F 35 -15.48 -6.02 -8.73
N ILE F 36 -16.63 -5.41 -8.99
CA ILE F 36 -16.66 -4.16 -9.77
C ILE F 36 -15.78 -3.11 -9.11
N GLN F 37 -15.96 -2.90 -7.81
CA GLN F 37 -15.25 -1.80 -7.17
C GLN F 37 -13.75 -2.07 -7.05
N SER F 38 -13.34 -3.32 -6.87
CA SER F 38 -11.91 -3.60 -6.86
C SER F 38 -11.27 -3.54 -8.25
N GLU F 39 -11.98 -3.96 -9.29
CA GLU F 39 -11.47 -3.92 -10.66
C GLU F 39 -11.41 -2.49 -11.24
N HIS F 40 -12.23 -1.57 -10.72
CA HIS F 40 -12.14 -0.19 -11.15
C HIS F 40 -10.80 0.46 -10.83
N ARG F 41 -10.33 0.34 -9.59
CA ARG F 41 -9.01 0.88 -9.26
C ARG F 41 -7.90 0.26 -10.11
N GLU F 42 -8.02 -1.02 -10.45
CA GLU F 42 -7.02 -1.66 -11.32
C GLU F 42 -7.01 -1.08 -12.73
N LEU F 43 -8.18 -0.77 -13.28
CA LEU F 43 -8.19 -0.05 -14.56
C LEU F 43 -7.71 1.40 -14.44
N VAL F 44 -7.96 2.07 -13.32
CA VAL F 44 -7.36 3.39 -13.11
C VAL F 44 -5.84 3.32 -13.10
N SER F 45 -5.27 2.30 -12.44
CA SER F 45 -3.82 2.11 -12.48
C SER F 45 -3.31 1.83 -13.89
N ALA F 46 -4.02 1.01 -14.66
CA ALA F 46 -3.59 0.74 -16.04
C ALA F 46 -3.62 2.00 -16.89
N ILE F 47 -4.74 2.72 -16.89
CA ILE F 47 -4.85 3.91 -17.73
C ILE F 47 -3.86 4.99 -17.30
N GLN F 48 -3.61 5.12 -15.98
CA GLN F 48 -2.61 6.06 -15.49
C GLN F 48 -1.17 5.62 -15.76
N SER F 49 -0.96 4.36 -16.14
CA SER F 49 0.35 3.97 -16.65
C SER F 49 0.48 4.28 -18.14
N TYR F 50 -0.53 3.89 -18.93
CA TYR F 50 -0.50 4.21 -20.35
C TYR F 50 -0.36 5.70 -20.59
N ILE F 51 -1.05 6.53 -19.82
CA ILE F 51 -0.96 7.98 -19.99
C ILE F 51 0.45 8.49 -19.75
N GLY F 52 1.28 7.73 -19.05
CA GLY F 52 2.65 8.12 -18.82
C GLY F 52 3.66 7.49 -19.75
N ALA F 53 3.29 6.42 -20.43
CA ALA F 53 4.22 5.79 -21.36
C ALA F 53 4.23 6.39 -22.76
N GLN F 54 3.19 7.12 -23.16
CA GLN F 54 3.24 7.84 -24.43
C GLN F 54 4.30 8.96 -24.40
N ASP F 55 4.62 9.45 -25.60
CA ASP F 55 5.77 10.34 -25.77
C ASP F 55 5.53 11.73 -25.19
N ASP F 56 4.29 12.24 -25.29
CA ASP F 56 3.96 13.60 -24.88
C ASP F 56 2.96 13.56 -23.72
N PRO F 57 3.41 13.20 -22.52
CA PRO F 57 2.49 13.13 -21.38
C PRO F 57 1.87 14.48 -21.03
N THR F 58 2.47 15.60 -21.45
CA THR F 58 1.86 16.89 -21.22
C THR F 58 0.66 17.14 -22.13
N ASN F 59 0.53 16.38 -23.22
CA ASN F 59 -0.51 16.61 -24.23
C ASN F 59 -1.02 15.25 -24.70
N PRO F 60 -1.70 14.51 -23.82
CA PRO F 60 -1.99 13.10 -24.10
C PRO F 60 -2.93 12.89 -25.28
N SER F 61 -2.80 11.71 -25.90
CA SER F 61 -3.63 11.32 -27.02
C SER F 61 -4.88 10.57 -26.54
N GLU F 62 -5.65 10.06 -27.49
CA GLU F 62 -6.90 9.35 -27.19
C GLU F 62 -6.60 7.99 -26.54
N ILE F 63 -7.63 7.40 -25.95
CA ILE F 63 -7.53 6.09 -25.34
C ILE F 63 -8.81 5.30 -25.59
N THR F 64 -8.65 4.00 -25.81
CA THR F 64 -9.75 3.05 -25.73
C THR F 64 -9.23 1.79 -25.07
N LEU F 65 -10.14 1.03 -24.47
CA LEU F 65 -9.72 -0.15 -23.72
C LEU F 65 -9.25 -1.29 -24.62
N ALA F 66 -9.38 -1.15 -25.94
CA ALA F 66 -8.64 -2.01 -26.85
C ALA F 66 -7.15 -1.67 -26.87
N LYS F 67 -6.82 -0.38 -27.02
CA LYS F 67 -5.42 0.04 -26.94
C LYS F 67 -4.84 -0.19 -25.55
N LEU F 68 -5.68 -0.19 -24.52
CA LEU F 68 -5.29 -0.48 -23.15
C LEU F 68 -5.09 -1.97 -22.88
N ALA F 69 -5.19 -2.81 -23.91
CA ALA F 69 -5.25 -4.26 -23.71
C ALA F 69 -4.05 -4.89 -23.03
N PRO F 70 -2.80 -4.56 -23.36
CA PRO F 70 -1.67 -5.41 -22.97
C PRO F 70 -1.20 -5.21 -21.53
N TYR F 71 -2.14 -5.29 -20.59
CA TYR F 71 -1.85 -5.12 -19.18
C TYR F 71 -2.60 -6.08 -18.25
N MET F 72 -3.38 -7.04 -18.77
CA MET F 72 -4.40 -7.71 -17.96
C MET F 72 -4.33 -9.25 -17.98
N SER F 73 -3.20 -9.83 -18.36
CA SER F 73 -2.81 -11.19 -17.96
C SER F 73 -3.74 -12.31 -18.44
N LYS F 74 -4.59 -12.07 -19.43
CA LYS F 74 -5.22 -13.14 -20.22
C LYS F 74 -6.06 -14.15 -19.40
N ASN F 75 -6.80 -13.66 -18.40
CA ASN F 75 -8.02 -14.30 -17.89
C ASN F 75 -7.90 -15.77 -17.43
N ALA F 76 -6.75 -16.21 -16.94
CA ALA F 76 -6.67 -17.53 -16.29
C ALA F 76 -7.03 -18.74 -17.15
N LYS F 77 -7.36 -18.55 -18.42
CA LYS F 77 -7.48 -19.67 -19.34
C LYS F 77 -7.27 -19.13 -20.75
N ASN F 78 -7.18 -20.03 -21.72
CA ASN F 78 -6.95 -19.58 -23.09
C ASN F 78 -8.12 -18.72 -23.54
N GLU F 79 -7.88 -17.42 -23.68
CA GLU F 79 -8.91 -16.45 -24.03
C GLU F 79 -8.28 -15.33 -24.85
N ASP F 80 -9.09 -14.70 -25.69
CA ASP F 80 -8.56 -13.85 -26.75
C ASP F 80 -8.06 -12.51 -26.19
N GLY F 81 -8.90 -11.83 -25.42
CA GLY F 81 -8.62 -10.44 -25.06
C GLY F 81 -9.51 -9.96 -23.95
N ILE F 82 -9.18 -8.77 -23.44
CA ILE F 82 -9.54 -8.39 -22.07
C ILE F 82 -11.05 -8.28 -21.89
N VAL F 83 -11.80 -8.00 -22.96
CA VAL F 83 -13.25 -7.94 -22.83
C VAL F 83 -13.82 -9.28 -22.37
N ASN F 84 -13.07 -10.37 -22.57
CA ASN F 84 -13.47 -11.67 -22.04
C ASN F 84 -13.29 -11.74 -20.53
N SER F 85 -12.49 -10.85 -19.95
CA SER F 85 -12.09 -10.93 -18.55
C SER F 85 -12.76 -9.90 -17.65
N LEU F 86 -12.85 -8.64 -18.10
CA LEU F 86 -13.53 -7.63 -17.31
C LEU F 86 -15.00 -8.00 -17.09
N ALA F 87 -15.48 -7.76 -15.86
CA ALA F 87 -16.78 -8.23 -15.44
C ALA F 87 -17.90 -7.78 -16.38
N LYS F 88 -18.94 -8.61 -16.46
CA LYS F 88 -19.82 -8.69 -17.63
C LYS F 88 -21.06 -7.79 -17.53
N ASP F 89 -21.82 -7.91 -16.44
CA ASP F 89 -23.04 -7.10 -16.21
C ASP F 89 -23.95 -7.03 -17.42
N LYS F 90 -24.46 -8.20 -17.84
CA LYS F 90 -25.35 -8.26 -19.00
C LYS F 90 -26.56 -7.34 -18.88
N SER F 91 -27.06 -7.09 -17.67
CA SER F 91 -28.21 -6.22 -17.48
C SER F 91 -27.87 -4.74 -17.52
N GLY F 92 -26.60 -4.35 -17.61
CA GLY F 92 -26.26 -2.95 -17.68
C GLY F 92 -24.92 -2.69 -18.33
N GLY F 100 -23.81 -5.19 -21.09
CA GLY F 100 -22.85 -5.97 -21.85
C GLY F 100 -21.43 -5.81 -21.35
N SER F 101 -21.13 -4.66 -20.77
CA SER F 101 -19.84 -4.44 -20.12
C SER F 101 -20.06 -3.59 -18.88
N ALA F 102 -19.43 -4.00 -17.78
CA ALA F 102 -19.46 -3.19 -16.56
C ALA F 102 -18.57 -1.96 -16.65
N HIS F 103 -17.65 -1.90 -17.61
CA HIS F 103 -16.74 -0.77 -17.73
C HIS F 103 -16.89 -0.09 -19.09
N GLN F 104 -16.78 1.25 -19.08
CA GLN F 104 -17.01 2.06 -20.27
C GLN F 104 -16.01 3.20 -20.29
N ILE F 105 -15.64 3.61 -21.51
CA ILE F 105 -14.79 4.78 -21.74
C ILE F 105 -15.53 5.72 -22.68
N ASP F 106 -15.66 6.97 -22.29
CA ASP F 106 -15.98 8.03 -23.23
C ASP F 106 -14.66 8.48 -23.85
N THR F 107 -14.28 7.82 -24.95
CA THR F 107 -13.02 8.13 -25.63
C THR F 107 -12.94 9.57 -26.11
N THR F 108 -14.08 10.25 -26.30
CA THR F 108 -14.05 11.62 -26.79
C THR F 108 -13.88 12.65 -25.69
N ASN F 109 -14.36 12.37 -24.47
CA ASN F 109 -14.34 13.33 -23.38
C ASN F 109 -13.61 12.79 -22.15
N HIS F 110 -12.73 11.80 -22.36
CA HIS F 110 -11.69 11.46 -21.39
C HIS F 110 -12.25 10.98 -20.05
N LYS F 111 -13.38 10.27 -20.07
CA LYS F 111 -14.08 9.89 -18.85
C LYS F 111 -14.19 8.38 -18.79
N LEU F 112 -13.83 7.79 -17.66
CA LEU F 112 -14.04 6.37 -17.39
C LEU F 112 -15.17 6.20 -16.38
N ILE F 113 -16.13 5.33 -16.70
CA ILE F 113 -17.28 5.05 -15.83
C ILE F 113 -17.45 3.55 -15.63
N SER F 114 -17.75 3.16 -14.39
CA SER F 114 -18.17 1.82 -14.01
C SER F 114 -19.54 1.89 -13.35
N THR F 115 -20.35 0.85 -13.52
CA THR F 115 -21.73 0.88 -13.01
C THR F 115 -22.15 -0.51 -12.56
N PHE F 116 -23.06 -0.55 -11.58
CA PHE F 116 -23.62 -1.78 -11.05
C PHE F 116 -25.06 -1.53 -10.58
N THR F 117 -25.91 -2.56 -10.69
CA THR F 117 -27.33 -2.41 -10.36
C THR F 117 -27.95 -3.70 -9.81
N PRO F 118 -28.42 -3.70 -8.55
CA PRO F 118 -29.11 -4.88 -8.02
C PRO F 118 -30.39 -5.21 -8.78
N SER F 119 -30.76 -6.50 -8.74
CA SER F 119 -32.00 -6.96 -9.36
C SER F 119 -33.24 -6.52 -8.58
N ASN F 120 -33.11 -6.19 -7.30
CA ASN F 120 -34.26 -5.87 -6.46
C ASN F 120 -34.84 -4.48 -6.74
N GLY F 121 -34.28 -3.74 -7.69
CA GLY F 121 -34.81 -2.43 -8.01
C GLY F 121 -34.31 -1.30 -7.15
N GLY F 122 -33.31 -1.53 -6.31
CA GLY F 122 -32.59 -0.44 -5.70
C GLY F 122 -31.80 0.37 -6.71
N GLN F 123 -31.50 1.62 -6.33
CA GLN F 123 -30.84 2.56 -7.23
C GLN F 123 -29.42 2.13 -7.56
N ALA F 124 -28.95 2.55 -8.74
CA ALA F 124 -27.66 2.17 -9.27
C ALA F 124 -26.49 2.71 -8.44
N THR F 125 -25.36 2.00 -8.55
CA THR F 125 -24.03 2.48 -8.16
C THR F 125 -23.28 2.99 -9.39
N VAL F 126 -22.63 4.14 -9.26
CA VAL F 126 -21.81 4.72 -10.32
C VAL F 126 -20.48 5.19 -9.77
N LEU F 127 -19.40 4.97 -10.53
CA LEU F 127 -18.06 5.47 -10.22
C LEU F 127 -17.47 6.18 -11.42
N THR F 128 -16.79 7.31 -11.18
CA THR F 128 -16.18 8.11 -12.24
C THR F 128 -14.70 8.41 -11.94
N TYR F 129 -13.87 8.35 -12.97
CA TYR F 129 -12.55 8.97 -12.98
C TYR F 129 -12.37 9.78 -14.24
N ASP F 130 -11.73 10.94 -14.14
CA ASP F 130 -11.77 11.95 -15.21
C ASP F 130 -10.42 12.64 -15.25
N TRP F 131 -9.57 12.22 -16.19
CA TRP F 131 -8.12 12.30 -16.04
C TRP F 131 -7.49 13.60 -16.53
N SER F 132 -8.27 14.65 -16.79
CA SER F 132 -7.64 15.92 -17.15
C SER F 132 -8.43 17.12 -16.66
N ALA F 133 -7.70 18.17 -16.29
CA ALA F 133 -8.24 19.50 -15.98
C ALA F 133 -9.41 19.47 -15.00
N ASN F 134 -9.36 18.57 -14.01
CA ASN F 134 -10.45 18.44 -13.06
C ASN F 134 -9.91 18.18 -11.66
N GLY F 135 -10.73 18.53 -10.66
CA GLY F 135 -10.37 18.46 -9.26
C GLY F 135 -10.52 19.77 -8.51
N VAL F 136 -10.41 20.89 -9.22
CA VAL F 136 -10.54 22.20 -8.57
C VAL F 136 -11.98 22.42 -8.16
N ASN F 137 -12.18 23.14 -7.06
CA ASN F 137 -13.52 23.48 -6.60
C ASN F 137 -14.11 24.57 -7.49
N THR G 2 -51.53 -55.30 32.19
CA THR G 2 -50.59 -54.50 31.40
C THR G 2 -50.30 -55.15 30.05
N LEU G 3 -50.91 -56.32 29.81
CA LEU G 3 -50.62 -57.05 28.57
C LEU G 3 -51.09 -56.29 27.33
N VAL G 4 -52.10 -55.44 27.45
CA VAL G 4 -52.58 -54.70 26.29
C VAL G 4 -51.52 -53.73 25.79
N GLU G 5 -51.00 -52.89 26.70
CA GLU G 5 -49.96 -51.95 26.33
C GLU G 5 -48.69 -52.69 25.92
N LEU G 6 -48.39 -53.80 26.60
CA LEU G 6 -47.24 -54.61 26.22
C LEU G 6 -47.39 -55.15 24.80
N ILE G 7 -48.62 -55.50 24.40
CA ILE G 7 -48.86 -55.95 23.04
C ILE G 7 -48.59 -54.83 22.05
N VAL G 8 -49.20 -53.66 22.29
CA VAL G 8 -49.06 -52.59 21.30
C VAL G 8 -47.64 -52.01 21.26
N VAL G 9 -46.85 -52.20 22.33
CA VAL G 9 -45.46 -51.75 22.31
C VAL G 9 -44.71 -52.42 21.15
N ILE G 10 -44.97 -53.71 20.93
CA ILE G 10 -44.32 -54.40 19.82
C ILE G 10 -44.65 -53.73 18.50
N ILE G 11 -45.91 -53.33 18.34
CA ILE G 11 -46.35 -52.70 17.10
C ILE G 11 -45.64 -51.37 16.90
N ILE G 12 -45.56 -50.56 17.96
CA ILE G 12 -44.89 -49.27 17.84
C ILE G 12 -43.42 -49.44 17.49
N ILE G 13 -42.75 -50.42 18.10
CA ILE G 13 -41.36 -50.68 17.75
C ILE G 13 -41.26 -51.07 16.28
N ALA G 14 -42.14 -51.97 15.83
CA ALA G 14 -42.08 -52.41 14.44
C ALA G 14 -42.26 -51.25 13.48
N ILE G 15 -43.07 -50.26 13.84
CA ILE G 15 -43.26 -49.11 12.94
C ILE G 15 -42.07 -48.16 13.00
N ILE G 16 -41.60 -47.84 14.20
CA ILE G 16 -40.53 -46.86 14.36
C ILE G 16 -39.24 -47.33 13.71
N ALA G 17 -38.97 -48.64 13.77
CA ALA G 17 -37.72 -49.17 13.22
C ALA G 17 -37.60 -49.04 11.69
N ALA G 18 -38.70 -48.83 10.97
CA ALA G 18 -38.67 -48.93 9.51
C ALA G 18 -38.21 -47.65 8.79
N VAL G 19 -37.90 -46.57 9.50
CA VAL G 19 -37.59 -45.31 8.82
C VAL G 19 -36.40 -45.46 7.86
N ALA G 20 -36.44 -44.67 6.78
CA ALA G 20 -35.37 -44.62 5.78
C ALA G 20 -34.09 -44.06 6.39
N ILE G 21 -32.96 -44.71 6.09
CA ILE G 21 -31.65 -44.35 6.65
C ILE G 21 -30.78 -43.70 5.56
N PRO G 22 -30.37 -42.44 5.72
CA PRO G 22 -29.64 -41.72 4.68
C PRO G 22 -28.15 -42.12 4.60
N ALA G 23 -27.50 -41.65 3.52
CA ALA G 23 -26.12 -42.00 3.18
C ALA G 23 -25.19 -40.79 3.22
N ILE G 24 -23.90 -41.09 3.44
CA ILE G 24 -22.90 -40.17 3.98
C ILE G 24 -22.33 -39.09 3.03
N THR G 25 -22.35 -39.28 1.71
CA THR G 25 -21.32 -38.66 0.86
C THR G 25 -21.42 -37.13 0.77
N SER G 26 -22.52 -36.63 0.23
CA SER G 26 -22.77 -35.19 0.04
C SER G 26 -21.58 -34.47 -0.64
N PHE G 27 -21.32 -33.20 -0.28
CA PHE G 27 -20.32 -32.32 -0.91
C PHE G 27 -18.86 -32.73 -0.75
N GLN G 28 -18.56 -33.83 -0.05
CA GLN G 28 -17.18 -34.09 0.33
C GLN G 28 -16.23 -34.13 -0.86
N ASP G 29 -16.74 -34.34 -2.07
CA ASP G 29 -15.95 -34.17 -3.28
C ASP G 29 -15.81 -32.70 -3.72
N ASN G 30 -16.93 -32.09 -4.11
CA ASN G 30 -16.91 -30.76 -4.73
C ASN G 30 -16.38 -29.65 -3.82
N ALA G 31 -16.35 -29.85 -2.50
CA ALA G 31 -15.69 -28.86 -1.64
C ALA G 31 -14.18 -28.70 -1.91
N ARG G 32 -13.49 -29.76 -2.32
CA ARG G 32 -12.04 -29.69 -2.56
C ARG G 32 -11.65 -28.77 -3.73
N LYS G 33 -12.48 -28.71 -4.76
CA LYS G 33 -12.29 -27.74 -5.83
C LYS G 33 -12.19 -26.31 -5.32
N SER G 34 -12.90 -25.98 -4.24
CA SER G 34 -12.78 -24.65 -3.65
C SER G 34 -11.45 -24.45 -2.95
N ARG G 35 -10.84 -25.51 -2.40
CA ARG G 35 -9.47 -25.40 -1.92
C ARG G 35 -8.52 -25.06 -3.06
N ILE G 36 -8.70 -25.74 -4.18
CA ILE G 36 -7.85 -25.49 -5.36
C ILE G 36 -7.95 -24.03 -5.82
N GLN G 37 -9.17 -23.52 -5.97
CA GLN G 37 -9.33 -22.19 -6.54
C GLN G 37 -8.62 -21.09 -5.76
N SER G 38 -8.64 -21.15 -4.43
CA SER G 38 -7.93 -20.13 -3.64
C SER G 38 -6.44 -20.41 -3.51
N GLU G 39 -6.04 -21.67 -3.38
CA GLU G 39 -4.62 -21.98 -3.27
C GLU G 39 -3.86 -21.65 -4.56
N HIS G 40 -4.56 -21.65 -5.70
CA HIS G 40 -3.98 -21.14 -6.93
C HIS G 40 -3.64 -19.66 -6.86
N ARG G 41 -4.62 -18.82 -6.51
CA ARG G 41 -4.33 -17.39 -6.40
C ARG G 41 -3.24 -17.12 -5.38
N GLU G 42 -3.17 -17.94 -4.33
CA GLU G 42 -2.05 -17.82 -3.39
C GLU G 42 -0.69 -18.03 -4.06
N LEU G 43 -0.53 -19.13 -4.80
CA LEU G 43 0.74 -19.35 -5.49
C LEU G 43 1.03 -18.27 -6.53
N VAL G 44 -0.01 -17.77 -7.21
CA VAL G 44 0.24 -16.70 -8.18
C VAL G 44 0.75 -15.44 -7.50
N SER G 45 0.21 -15.09 -6.32
CA SER G 45 0.75 -13.94 -5.60
C SER G 45 2.21 -14.16 -5.16
N ALA G 46 2.53 -15.38 -4.72
CA ALA G 46 3.93 -15.62 -4.34
C ALA G 46 4.87 -15.53 -5.53
N ILE G 47 4.55 -16.23 -6.62
CA ILE G 47 5.43 -16.21 -7.80
C ILE G 47 5.53 -14.80 -8.38
N GLN G 48 4.45 -14.01 -8.32
CA GLN G 48 4.49 -12.64 -8.82
C GLN G 48 5.26 -11.70 -7.90
N SER G 49 5.48 -12.10 -6.64
CA SER G 49 6.48 -11.39 -5.84
C SER G 49 7.89 -11.81 -6.24
N TYR G 50 8.16 -13.12 -6.26
CA TYR G 50 9.50 -13.62 -6.53
C TYR G 50 10.05 -13.14 -7.88
N ILE G 51 9.21 -13.14 -8.92
CA ILE G 51 9.66 -12.70 -10.24
C ILE G 51 10.19 -11.28 -10.26
N GLY G 52 9.87 -10.47 -9.25
CA GLY G 52 10.36 -9.11 -9.19
C GLY G 52 11.53 -8.84 -8.25
N ALA G 53 12.05 -9.86 -7.58
CA ALA G 53 13.07 -9.64 -6.55
C ALA G 53 14.51 -9.65 -7.08
N GLN G 54 14.82 -10.46 -8.09
CA GLN G 54 16.18 -10.42 -8.62
C GLN G 54 16.38 -9.16 -9.48
N ASP G 55 17.65 -8.92 -9.81
CA ASP G 55 18.12 -7.65 -10.35
C ASP G 55 17.61 -7.35 -11.76
N ASP G 56 16.91 -8.27 -12.42
CA ASP G 56 16.34 -8.00 -13.73
C ASP G 56 14.96 -8.65 -13.83
N PRO G 57 13.88 -7.87 -13.73
CA PRO G 57 12.54 -8.47 -13.83
C PRO G 57 12.14 -8.86 -15.26
N THR G 58 12.97 -8.57 -16.25
CA THR G 58 12.66 -8.94 -17.63
C THR G 58 13.40 -10.19 -18.11
N ASN G 59 14.42 -10.64 -17.38
CA ASN G 59 15.13 -11.88 -17.68
C ASN G 59 15.22 -12.70 -16.40
N PRO G 60 14.09 -13.18 -15.88
CA PRO G 60 14.10 -13.93 -14.63
C PRO G 60 14.77 -15.29 -14.78
N SER G 61 15.25 -15.81 -13.65
CA SER G 61 15.84 -17.14 -13.63
C SER G 61 14.76 -18.20 -13.73
N GLU G 62 15.19 -19.44 -14.00
CA GLU G 62 14.27 -20.57 -14.17
C GLU G 62 13.66 -20.93 -12.82
N ILE G 63 12.35 -20.70 -12.68
CA ILE G 63 11.66 -21.00 -11.44
C ILE G 63 11.35 -22.48 -11.34
N THR G 64 11.63 -23.06 -10.19
CA THR G 64 11.01 -24.31 -9.76
C THR G 64 10.43 -24.07 -8.39
N LEU G 65 9.35 -24.79 -8.07
CA LEU G 65 8.62 -24.49 -6.84
C LEU G 65 9.46 -24.73 -5.59
N ALA G 66 10.54 -25.50 -5.69
CA ALA G 66 11.51 -25.56 -4.60
C ALA G 66 12.13 -24.19 -4.30
N LYS G 67 12.31 -23.34 -5.31
CA LYS G 67 12.75 -21.98 -5.07
C LYS G 67 11.65 -21.07 -4.55
N LEU G 68 10.39 -21.35 -4.90
CA LEU G 68 9.26 -20.60 -4.37
C LEU G 68 8.91 -20.98 -2.94
N ALA G 69 9.31 -22.17 -2.49
CA ALA G 69 8.90 -22.74 -1.21
C ALA G 69 8.96 -21.80 -0.01
N PRO G 70 10.01 -21.01 0.21
CA PRO G 70 10.08 -20.21 1.44
C PRO G 70 9.10 -19.06 1.52
N TYR G 71 8.15 -18.97 0.59
CA TYR G 71 7.00 -18.10 0.78
C TYR G 71 5.84 -18.74 1.53
N MET G 72 5.81 -20.08 1.65
CA MET G 72 4.71 -20.80 2.27
C MET G 72 5.03 -21.17 3.70
N SER G 73 4.03 -21.09 4.57
CA SER G 73 4.18 -21.55 5.95
C SER G 73 4.15 -23.07 6.02
N LYS G 74 4.71 -23.61 7.10
CA LYS G 74 4.61 -25.04 7.37
C LYS G 74 3.16 -25.49 7.53
N ASN G 75 2.91 -26.76 7.19
CA ASN G 75 1.63 -27.38 7.48
C ASN G 75 1.36 -27.36 8.98
N ALA G 76 0.09 -27.15 9.33
CA ALA G 76 -0.30 -27.09 10.74
C ALA G 76 0.14 -28.31 11.55
N LYS G 77 0.34 -29.47 10.92
CA LYS G 77 0.92 -30.61 11.60
C LYS G 77 2.44 -30.55 11.69
N ASN G 78 3.03 -29.40 11.38
CA ASN G 78 4.47 -29.20 11.47
C ASN G 78 5.25 -30.14 10.55
N GLU G 79 4.73 -30.35 9.35
CA GLU G 79 5.49 -31.03 8.31
C GLU G 79 6.51 -30.07 7.70
N ASP G 80 7.41 -30.60 6.87
CA ASP G 80 8.65 -29.92 6.55
C ASP G 80 8.81 -29.62 5.06
N GLY G 81 7.72 -29.52 4.31
CA GLY G 81 7.83 -29.12 2.91
C GLY G 81 6.50 -28.94 2.20
N ILE G 82 6.49 -28.05 1.21
CA ILE G 82 5.22 -27.53 0.70
C ILE G 82 4.39 -28.61 0.00
N VAL G 83 5.03 -29.66 -0.53
CA VAL G 83 4.25 -30.72 -1.15
C VAL G 83 3.38 -31.44 -0.12
N ASN G 84 3.76 -31.38 1.16
CA ASN G 84 2.90 -31.82 2.24
C ASN G 84 1.91 -30.74 2.68
N SER G 85 1.61 -29.78 1.82
CA SER G 85 0.69 -28.69 2.16
C SER G 85 -0.26 -28.38 1.03
N LEU G 86 0.26 -28.24 -0.19
CA LEU G 86 -0.59 -28.12 -1.36
C LEU G 86 -1.50 -29.33 -1.53
N ALA G 87 -2.71 -29.09 -2.02
CA ALA G 87 -3.73 -30.13 -2.13
C ALA G 87 -3.25 -31.30 -2.98
N LYS G 88 -3.53 -32.51 -2.51
CA LYS G 88 -3.22 -33.74 -3.21
C LYS G 88 -4.28 -34.06 -4.28
N ASP G 89 -3.87 -34.86 -5.26
CA ASP G 89 -4.76 -35.33 -6.31
C ASP G 89 -4.32 -36.75 -6.70
N LYS G 90 -4.89 -37.28 -7.79
CA LYS G 90 -4.54 -38.60 -8.27
C LYS G 90 -3.04 -38.77 -8.48
N SER G 91 -2.59 -40.01 -8.34
CA SER G 91 -1.16 -40.32 -8.26
C SER G 91 -0.39 -39.75 -9.44
N GLY G 92 -0.81 -40.08 -10.65
CA GLY G 92 -0.07 -39.68 -11.84
C GLY G 92 1.35 -40.20 -11.86
N GLY G 100 2.09 -35.85 -5.70
CA GLY G 100 0.71 -35.94 -6.13
C GLY G 100 0.02 -34.58 -6.15
N SER G 101 0.81 -33.51 -6.19
CA SER G 101 0.24 -32.18 -6.09
C SER G 101 -0.64 -31.87 -7.29
N ALA G 102 -1.78 -31.22 -7.01
CA ALA G 102 -2.62 -30.68 -8.07
C ALA G 102 -1.94 -29.53 -8.81
N HIS G 103 -0.90 -28.94 -8.26
CA HIS G 103 -0.18 -27.82 -8.87
C HIS G 103 1.20 -28.29 -9.32
N GLN G 104 1.57 -27.95 -10.55
CA GLN G 104 2.94 -28.16 -11.00
C GLN G 104 3.43 -26.98 -11.82
N ILE G 105 4.75 -26.89 -11.94
CA ILE G 105 5.46 -25.98 -12.85
C ILE G 105 6.10 -26.81 -13.96
N ASP G 106 5.97 -26.34 -15.20
CA ASP G 106 6.77 -26.89 -16.31
C ASP G 106 7.56 -25.74 -16.96
N THR G 107 8.72 -25.44 -16.37
CA THR G 107 9.37 -24.15 -16.58
C THR G 107 9.77 -23.90 -18.02
N THR G 108 10.03 -24.95 -18.80
CA THR G 108 10.35 -24.75 -20.21
C THR G 108 9.21 -24.11 -21.00
N ASN G 109 7.97 -24.22 -20.53
CA ASN G 109 6.86 -23.48 -21.13
C ASN G 109 6.47 -22.24 -20.36
N HIS G 110 7.15 -21.96 -19.25
CA HIS G 110 6.87 -20.79 -18.40
C HIS G 110 5.42 -20.73 -17.94
N LYS G 111 4.83 -21.87 -17.60
CA LYS G 111 3.44 -21.88 -17.13
C LYS G 111 3.32 -22.62 -15.81
N LEU G 112 2.32 -22.20 -15.03
CA LEU G 112 1.83 -22.90 -13.85
C LEU G 112 0.45 -23.49 -14.16
N ILE G 113 0.29 -24.79 -13.93
CA ILE G 113 -0.98 -25.48 -14.14
C ILE G 113 -1.54 -25.95 -12.79
N SER G 114 -2.83 -25.67 -12.55
CA SER G 114 -3.60 -26.23 -11.44
C SER G 114 -4.80 -27.00 -11.99
N THR G 115 -5.15 -28.11 -11.33
CA THR G 115 -5.97 -29.16 -11.92
C THR G 115 -7.06 -29.59 -10.94
N PHE G 116 -8.14 -30.15 -11.49
CA PHE G 116 -9.15 -30.85 -10.70
C PHE G 116 -9.80 -31.95 -11.54
N THR G 117 -10.33 -32.98 -10.87
CA THR G 117 -10.98 -34.10 -11.56
C THR G 117 -12.01 -34.79 -10.68
N PRO G 118 -13.31 -34.74 -11.03
CA PRO G 118 -14.34 -35.25 -10.12
C PRO G 118 -14.43 -36.78 -10.11
N SER G 119 -14.99 -37.29 -9.02
CA SER G 119 -15.11 -38.73 -8.81
C SER G 119 -16.00 -39.41 -9.84
N ASN G 120 -16.99 -38.71 -10.37
CA ASN G 120 -17.83 -39.32 -11.40
C ASN G 120 -17.11 -39.47 -12.74
N GLY G 121 -15.88 -38.99 -12.85
CA GLY G 121 -15.17 -39.04 -14.11
C GLY G 121 -15.64 -38.05 -15.14
N GLY G 122 -16.38 -37.02 -14.72
CA GLY G 122 -16.82 -35.98 -15.61
C GLY G 122 -15.66 -35.13 -16.14
N GLN G 123 -16.04 -34.03 -16.78
CA GLN G 123 -15.09 -33.14 -17.42
C GLN G 123 -14.13 -32.52 -16.41
N ALA G 124 -12.83 -32.76 -16.63
CA ALA G 124 -11.79 -32.17 -15.80
C ALA G 124 -11.64 -30.68 -16.08
N THR G 125 -11.06 -29.97 -15.10
CA THR G 125 -10.91 -28.52 -15.08
C THR G 125 -9.45 -28.15 -14.95
N VAL G 126 -9.03 -27.08 -15.63
CA VAL G 126 -7.66 -26.56 -15.55
C VAL G 126 -7.67 -25.05 -15.36
N LEU G 127 -6.85 -24.56 -14.45
CA LEU G 127 -6.53 -23.14 -14.32
C LEU G 127 -5.07 -22.91 -14.69
N THR G 128 -4.81 -21.89 -15.53
CA THR G 128 -3.48 -21.61 -16.06
C THR G 128 -3.03 -20.20 -15.70
N TYR G 129 -1.75 -20.05 -15.40
CA TYR G 129 -1.09 -18.75 -15.29
C TYR G 129 0.23 -18.76 -16.05
N ASP G 130 0.64 -17.59 -16.50
CA ASP G 130 1.72 -17.45 -17.47
C ASP G 130 2.37 -16.10 -17.22
N TRP G 131 3.68 -16.08 -16.98
CA TRP G 131 4.40 -14.84 -16.75
C TRP G 131 5.22 -14.40 -17.96
N SER G 132 5.00 -14.98 -19.13
CA SER G 132 5.66 -14.57 -20.37
C SER G 132 4.77 -13.80 -21.33
N ALA G 133 3.55 -14.29 -21.58
CA ALA G 133 2.67 -13.73 -22.60
C ALA G 133 1.30 -13.42 -22.02
N ASN G 134 0.70 -12.34 -22.54
CA ASN G 134 -0.58 -11.84 -22.03
C ASN G 134 -1.34 -11.18 -23.18
N GLY G 135 -2.57 -10.76 -22.88
CA GLY G 135 -3.57 -10.46 -23.89
C GLY G 135 -3.14 -9.58 -25.06
N VAL G 136 -3.52 -9.99 -26.27
CA VAL G 136 -3.16 -9.23 -27.47
C VAL G 136 -4.16 -8.09 -27.71
N ASN G 137 -3.76 -7.16 -28.56
CA ASN G 137 -4.62 -6.05 -28.95
C ASN G 137 -5.92 -6.55 -29.57
N SER G 138 -6.92 -5.69 -29.60
CA SER G 138 -8.21 -5.96 -30.24
C SER G 138 -8.72 -7.35 -29.88
N ILE H 10 -45.37 -61.28 32.75
CA ILE H 10 -44.50 -60.31 33.42
C ILE H 10 -43.06 -60.66 33.09
N ILE H 11 -42.81 -61.91 32.74
CA ILE H 11 -41.47 -62.34 32.34
C ILE H 11 -41.03 -61.61 31.09
N ILE H 12 -41.96 -61.26 30.21
CA ILE H 12 -41.62 -60.62 28.93
C ILE H 12 -40.88 -59.31 29.16
N ILE H 13 -41.16 -58.63 30.28
CA ILE H 13 -40.56 -57.33 30.54
C ILE H 13 -39.06 -57.47 30.70
N ALA H 14 -38.61 -58.58 31.29
CA ALA H 14 -37.18 -58.81 31.44
C ALA H 14 -36.47 -58.92 30.09
N ILE H 15 -37.17 -59.35 29.05
CA ILE H 15 -36.57 -59.39 27.72
C ILE H 15 -36.63 -58.01 27.08
N ILE H 16 -37.75 -57.31 27.24
CA ILE H 16 -37.90 -55.99 26.64
C ILE H 16 -36.88 -55.01 27.21
N ALA H 17 -36.53 -55.16 28.50
CA ALA H 17 -35.52 -54.33 29.15
C ALA H 17 -34.08 -54.63 28.73
N ALA H 18 -33.81 -55.64 27.92
CA ALA H 18 -32.44 -56.08 27.66
C ALA H 18 -31.67 -55.18 26.69
N VAL H 19 -32.31 -54.22 26.04
CA VAL H 19 -31.64 -53.42 25.01
C VAL H 19 -30.46 -52.65 25.58
N ALA H 20 -29.32 -52.75 24.89
CA ALA H 20 -28.08 -52.07 25.27
C ALA H 20 -28.22 -50.55 25.14
N ILE H 21 -27.44 -49.83 25.93
CA ILE H 21 -27.45 -48.36 25.97
C ILE H 21 -26.15 -47.83 25.37
N PRO H 22 -26.21 -46.97 24.34
CA PRO H 22 -24.99 -46.31 23.84
C PRO H 22 -24.39 -45.35 24.86
N ALA H 23 -23.06 -45.32 24.93
CA ALA H 23 -22.35 -44.47 25.88
C ALA H 23 -22.11 -43.08 25.28
N ILE H 24 -22.67 -42.06 25.93
CA ILE H 24 -22.67 -40.69 25.42
C ILE H 24 -21.27 -40.13 25.23
N THR H 25 -20.33 -40.54 26.08
CA THR H 25 -18.95 -40.03 26.01
C THR H 25 -18.25 -40.33 24.70
N SER H 26 -18.54 -41.45 24.05
CA SER H 26 -17.86 -41.78 22.80
C SER H 26 -18.30 -40.94 21.61
N PHE H 27 -19.41 -40.21 21.69
CA PHE H 27 -19.85 -39.33 20.60
C PHE H 27 -19.32 -37.89 20.68
N GLN H 28 -18.63 -37.51 21.75
CA GLN H 28 -18.19 -36.12 21.96
C GLN H 28 -16.96 -35.71 21.15
N ASP H 29 -16.03 -36.65 20.93
CA ASP H 29 -14.70 -36.32 20.43
C ASP H 29 -14.75 -35.58 19.09
N ASN H 30 -15.49 -36.12 18.13
CA ASN H 30 -15.60 -35.50 16.81
C ASN H 30 -16.25 -34.11 16.83
N ALA H 31 -16.99 -33.77 17.87
CA ALA H 31 -17.49 -32.40 18.02
C ALA H 31 -16.43 -31.46 18.60
N ARG H 32 -15.80 -31.86 19.71
CA ARG H 32 -14.80 -30.99 20.30
C ARG H 32 -13.64 -30.76 19.33
N LYS H 33 -13.18 -31.81 18.66
CA LYS H 33 -12.16 -31.65 17.62
C LYS H 33 -12.49 -30.54 16.63
N SER H 34 -13.75 -30.51 16.17
CA SER H 34 -14.20 -29.51 15.22
C SER H 34 -14.16 -28.10 15.78
N ARG H 35 -14.64 -27.93 17.01
CA ARG H 35 -14.58 -26.59 17.62
C ARG H 35 -13.24 -26.29 18.30
N ILE H 36 -12.24 -27.14 18.08
CA ILE H 36 -10.84 -26.71 18.24
C ILE H 36 -10.27 -26.19 16.92
N GLN H 37 -10.42 -26.95 15.85
CA GLN H 37 -9.86 -26.54 14.55
C GLN H 37 -10.45 -25.21 14.05
N SER H 38 -11.78 -25.11 14.01
CA SER H 38 -12.40 -23.89 13.50
C SER H 38 -12.15 -22.66 14.38
N GLU H 39 -11.78 -22.86 15.65
CA GLU H 39 -11.45 -21.74 16.53
C GLU H 39 -10.00 -21.32 16.37
N HIS H 40 -9.11 -22.31 16.21
CA HIS H 40 -7.71 -22.01 15.96
C HIS H 40 -7.54 -21.12 14.74
N ARG H 41 -8.25 -21.44 13.65
CA ARG H 41 -8.08 -20.63 12.45
C ARG H 41 -8.48 -19.16 12.67
N GLU H 42 -9.43 -18.90 13.57
CA GLU H 42 -9.80 -17.51 13.86
C GLU H 42 -8.77 -16.81 14.73
N LEU H 43 -8.18 -17.52 15.68
CA LEU H 43 -7.09 -16.89 16.45
C LEU H 43 -5.90 -16.55 15.56
N VAL H 44 -5.57 -17.42 14.61
CA VAL H 44 -4.49 -17.11 13.69
C VAL H 44 -4.82 -15.88 12.82
N SER H 45 -6.05 -15.80 12.29
CA SER H 45 -6.43 -14.61 11.54
C SER H 45 -6.37 -13.33 12.39
N ALA H 46 -6.72 -13.43 13.66
CA ALA H 46 -6.58 -12.26 14.54
C ALA H 46 -5.12 -11.85 14.72
N ILE H 47 -4.25 -12.81 15.05
CA ILE H 47 -2.82 -12.48 15.18
C ILE H 47 -2.28 -11.85 13.90
N GLN H 48 -2.57 -12.47 12.75
CA GLN H 48 -2.08 -11.99 11.46
C GLN H 48 -2.63 -10.62 11.08
N SER H 49 -3.75 -10.21 11.67
CA SER H 49 -4.16 -8.81 11.51
C SER H 49 -3.44 -7.89 12.50
N TYR H 50 -3.42 -8.27 13.78
CA TYR H 50 -2.83 -7.41 14.81
C TYR H 50 -1.38 -7.07 14.51
N ILE H 51 -0.60 -8.02 14.01
CA ILE H 51 0.81 -7.75 13.73
C ILE H 51 1.03 -6.67 12.67
N GLY H 52 -0.01 -6.26 11.95
CA GLY H 52 0.10 -5.12 11.05
C GLY H 52 -0.46 -3.80 11.55
N ALA H 53 -0.98 -3.74 12.77
CA ALA H 53 -1.63 -2.53 13.25
C ALA H 53 -0.69 -1.52 13.90
N GLN H 54 0.34 -1.99 14.61
CA GLN H 54 1.19 -1.09 15.36
C GLN H 54 2.21 -0.39 14.45
N ASP H 55 2.87 0.61 15.03
CA ASP H 55 3.66 1.57 14.28
C ASP H 55 4.96 1.01 13.71
N ASP H 56 5.34 -0.21 14.07
CA ASP H 56 6.53 -0.84 13.53
C ASP H 56 6.14 -2.20 12.97
N PRO H 57 5.75 -2.28 11.70
CA PRO H 57 5.24 -3.55 11.16
C PRO H 57 6.23 -4.70 11.22
N THR H 58 7.51 -4.45 11.48
CA THR H 58 8.51 -5.51 11.41
C THR H 58 9.16 -5.87 12.73
N ASN H 59 8.95 -5.09 13.81
CA ASN H 59 9.33 -5.54 15.14
C ASN H 59 8.06 -5.82 15.93
N PRO H 60 7.73 -7.07 16.23
CA PRO H 60 6.49 -7.34 16.97
C PRO H 60 6.54 -6.77 18.37
N SER H 61 5.35 -6.46 18.90
CA SER H 61 5.18 -6.26 20.34
C SER H 61 5.14 -7.62 21.03
N GLU H 62 5.01 -7.60 22.36
CA GLU H 62 4.91 -8.83 23.15
C GLU H 62 3.47 -9.34 23.10
N ILE H 63 3.17 -10.10 22.04
CA ILE H 63 1.82 -10.59 21.82
C ILE H 63 1.43 -11.57 22.93
N THR H 64 0.22 -11.40 23.46
CA THR H 64 -0.43 -12.44 24.24
C THR H 64 -1.94 -12.30 24.04
N LEU H 65 -2.65 -13.41 24.21
CA LEU H 65 -4.05 -13.47 23.83
C LEU H 65 -4.91 -12.49 24.63
N ALA H 66 -4.49 -12.13 25.84
CA ALA H 66 -5.19 -11.09 26.58
C ALA H 66 -5.15 -9.74 25.89
N LYS H 67 -4.22 -9.52 24.96
CA LYS H 67 -4.20 -8.32 24.13
C LYS H 67 -4.83 -8.51 22.76
N LEU H 68 -5.06 -9.75 22.31
CA LEU H 68 -5.91 -10.00 21.15
C LEU H 68 -7.40 -9.78 21.45
N ALA H 69 -7.76 -9.67 22.73
CA ALA H 69 -9.15 -9.81 23.15
C ALA H 69 -10.18 -9.00 22.36
N PRO H 70 -9.95 -7.73 22.02
CA PRO H 70 -10.98 -6.98 21.30
C PRO H 70 -11.37 -7.49 19.92
N TYR H 71 -10.71 -8.53 19.41
CA TYR H 71 -11.06 -9.07 18.10
C TYR H 71 -12.18 -10.10 18.10
N MET H 72 -12.72 -10.52 19.24
CA MET H 72 -13.84 -11.46 19.20
C MET H 72 -14.80 -11.21 20.35
N SER H 73 -16.06 -11.56 20.10
CA SER H 73 -17.20 -11.16 20.93
C SER H 73 -17.19 -11.82 22.31
N LYS H 74 -18.01 -11.23 23.19
CA LYS H 74 -18.38 -11.80 24.48
C LYS H 74 -19.07 -13.16 24.32
N ASN H 75 -19.03 -13.94 25.39
CA ASN H 75 -19.85 -15.13 25.49
C ASN H 75 -21.33 -14.77 25.37
N ALA H 76 -22.12 -15.75 24.91
CA ALA H 76 -23.58 -15.61 24.94
C ALA H 76 -24.11 -15.41 26.35
N LYS H 77 -23.37 -15.89 27.36
CA LYS H 77 -23.72 -15.63 28.76
C LYS H 77 -23.36 -14.20 29.17
N ASN H 78 -22.79 -13.39 28.26
CA ASN H 78 -22.36 -12.04 28.57
C ASN H 78 -21.24 -11.95 29.61
N GLU H 79 -20.58 -13.06 29.95
CA GLU H 79 -19.34 -12.96 30.69
C GLU H 79 -18.26 -12.35 29.79
N ASP H 80 -17.53 -11.38 30.32
CA ASP H 80 -16.48 -10.74 29.56
C ASP H 80 -15.13 -11.42 29.77
N GLY H 81 -14.14 -10.96 29.02
CA GLY H 81 -12.84 -11.58 28.94
C GLY H 81 -12.79 -12.70 27.91
N ILE H 82 -11.61 -12.90 27.34
CA ILE H 82 -11.46 -13.86 26.25
C ILE H 82 -11.35 -15.29 26.75
N VAL H 83 -10.71 -15.50 27.91
CA VAL H 83 -10.43 -16.85 28.37
C VAL H 83 -11.71 -17.61 28.68
N ASN H 84 -12.78 -16.91 29.06
CA ASN H 84 -14.07 -17.56 29.23
C ASN H 84 -14.66 -18.06 27.92
N SER H 85 -14.21 -17.55 26.78
CA SER H 85 -14.83 -17.84 25.49
C SER H 85 -14.22 -19.04 24.77
N LEU H 86 -12.90 -19.21 24.83
CA LEU H 86 -12.28 -20.30 24.08
C LEU H 86 -12.66 -21.66 24.64
N ALA H 87 -12.54 -22.68 23.79
CA ALA H 87 -12.69 -24.07 24.19
C ALA H 87 -11.79 -24.41 25.36
N LYS H 88 -12.28 -25.32 26.20
CA LYS H 88 -11.60 -25.73 27.42
C LYS H 88 -10.94 -27.09 27.24
N ASP H 89 -9.69 -27.20 27.66
CA ASP H 89 -9.05 -28.51 27.86
C ASP H 89 -9.67 -29.17 29.08
N LYS H 90 -10.45 -30.23 28.86
CA LYS H 90 -11.13 -30.91 29.95
C LYS H 90 -10.19 -31.66 30.89
N SER H 91 -8.92 -31.84 30.51
CA SER H 91 -7.92 -32.35 31.45
C SER H 91 -7.24 -31.25 32.26
N GLY H 92 -7.44 -29.99 31.91
CA GLY H 92 -6.82 -28.89 32.63
C GLY H 92 -5.34 -28.75 32.34
N GLY H 100 -7.11 -22.71 31.89
CA GLY H 100 -7.66 -23.95 31.36
C GLY H 100 -7.85 -23.93 29.86
N SER H 101 -7.31 -22.91 29.19
CA SER H 101 -7.54 -22.75 27.76
C SER H 101 -6.90 -23.89 26.98
N ALA H 102 -7.63 -24.37 25.96
CA ALA H 102 -7.07 -25.30 24.98
C ALA H 102 -6.10 -24.62 24.02
N HIS H 103 -6.07 -23.28 23.98
CA HIS H 103 -5.13 -22.53 23.15
C HIS H 103 -4.12 -21.81 24.03
N GLN H 104 -2.84 -21.93 23.67
CA GLN H 104 -1.74 -21.36 24.43
C GLN H 104 -0.87 -20.51 23.53
N ILE H 105 -0.33 -19.42 24.06
CA ILE H 105 0.69 -18.62 23.42
C ILE H 105 1.99 -18.77 24.18
N ASP H 106 3.06 -19.18 23.49
CA ASP H 106 4.39 -19.28 24.09
C ASP H 106 5.19 -18.05 23.65
N THR H 107 5.09 -16.99 24.45
CA THR H 107 5.51 -15.66 24.01
C THR H 107 6.99 -15.63 23.59
N THR H 108 7.85 -16.33 24.34
CA THR H 108 9.27 -16.35 24.00
C THR H 108 9.53 -16.93 22.62
N ASN H 109 8.76 -17.93 22.21
CA ASN H 109 8.98 -18.58 20.93
C ASN H 109 8.17 -17.96 19.78
N HIS H 110 7.32 -16.98 20.05
CA HIS H 110 6.39 -16.47 19.05
C HIS H 110 5.54 -17.60 18.47
N LYS H 111 5.17 -18.56 19.30
CA LYS H 111 4.55 -19.79 18.85
C LYS H 111 3.16 -19.90 19.48
N LEU H 112 2.17 -20.26 18.67
CA LEU H 112 0.84 -20.61 19.15
C LEU H 112 0.64 -22.11 19.07
N ILE H 113 0.14 -22.72 20.15
CA ILE H 113 -0.12 -24.15 20.21
C ILE H 113 -1.56 -24.40 20.66
N SER H 114 -2.22 -25.36 20.01
CA SER H 114 -3.55 -25.82 20.39
C SER H 114 -3.55 -27.34 20.52
N THR H 115 -4.16 -27.86 21.59
CA THR H 115 -4.03 -29.25 21.98
C THR H 115 -5.40 -29.91 22.12
N PHE H 116 -5.47 -31.19 21.70
CA PHE H 116 -6.66 -32.02 21.90
C PHE H 116 -6.25 -33.43 22.32
N THR H 117 -6.99 -34.01 23.26
CA THR H 117 -6.76 -35.37 23.71
C THR H 117 -8.07 -36.15 23.82
N PRO H 118 -8.18 -37.32 23.19
CA PRO H 118 -9.39 -38.14 23.37
C PRO H 118 -9.58 -38.61 24.80
N SER H 119 -10.85 -38.69 25.23
CA SER H 119 -11.16 -39.04 26.61
C SER H 119 -10.69 -40.45 26.95
N ASN H 120 -10.69 -41.37 25.97
CA ASN H 120 -10.26 -42.74 26.22
C ASN H 120 -8.74 -42.87 26.30
N GLY H 121 -8.00 -41.78 26.20
CA GLY H 121 -6.56 -41.85 26.39
C GLY H 121 -5.75 -42.23 25.17
N GLY H 122 -6.29 -42.04 23.97
CA GLY H 122 -5.52 -42.20 22.76
C GLY H 122 -4.45 -41.12 22.61
N GLN H 123 -3.71 -41.23 21.50
CA GLN H 123 -2.60 -40.31 21.24
C GLN H 123 -3.11 -38.89 21.01
N ALA H 124 -2.39 -37.91 21.56
CA ALA H 124 -2.76 -36.51 21.42
C ALA H 124 -2.58 -36.00 20.00
N THR H 125 -3.24 -34.86 19.72
CA THR H 125 -3.06 -34.08 18.50
C THR H 125 -2.79 -32.64 18.88
N VAL H 126 -1.83 -32.01 18.19
CA VAL H 126 -1.52 -30.59 18.38
C VAL H 126 -1.50 -29.88 17.02
N LEU H 127 -2.20 -28.76 16.94
CA LEU H 127 -1.99 -27.76 15.89
C LEU H 127 -0.89 -26.79 16.29
N THR H 128 -0.29 -26.13 15.30
CA THR H 128 0.76 -25.14 15.57
C THR H 128 0.72 -24.03 14.54
N TYR H 129 1.11 -22.83 14.96
CA TYR H 129 1.40 -21.72 14.06
C TYR H 129 2.54 -20.90 14.63
N ASP H 130 3.32 -20.28 13.75
CA ASP H 130 4.57 -19.63 14.15
C ASP H 130 4.89 -18.59 13.08
N TRP H 131 4.98 -17.32 13.50
CA TRP H 131 5.02 -16.19 12.59
C TRP H 131 6.39 -15.53 12.44
N SER H 132 7.48 -16.17 12.87
CA SER H 132 8.81 -15.59 12.68
C SER H 132 9.83 -16.65 12.30
N ALA H 133 10.59 -16.37 11.23
CA ALA H 133 11.60 -17.30 10.72
C ALA H 133 11.03 -18.71 10.56
N ASN H 134 9.94 -18.83 9.82
CA ASN H 134 9.23 -20.09 9.75
C ASN H 134 8.75 -20.41 8.33
N GLY H 135 9.55 -20.05 7.33
CA GLY H 135 9.38 -20.64 6.01
C GLY H 135 9.90 -22.07 5.99
N VAL H 136 9.32 -22.88 5.10
CA VAL H 136 9.60 -24.31 5.14
C VAL H 136 11.04 -24.61 4.75
N ASN H 137 11.61 -23.85 3.81
CA ASN H 137 12.96 -24.10 3.32
C ASN H 137 13.08 -25.54 2.82
N SER H 138 12.34 -25.82 1.75
CA SER H 138 12.17 -27.18 1.28
C SER H 138 13.49 -27.81 0.84
N ASN H 139 13.59 -29.12 1.03
CA ASN H 139 14.76 -29.91 0.64
C ASN H 139 16.08 -29.14 0.66
N ILE I 16 -46.84 -54.72 40.73
CA ILE I 16 -46.84 -54.31 39.34
C ILE I 16 -47.58 -52.99 39.19
N ALA I 17 -48.60 -52.79 40.03
CA ALA I 17 -49.34 -51.53 40.07
C ALA I 17 -48.53 -50.37 40.64
N ALA I 18 -47.47 -50.65 41.39
CA ALA I 18 -46.70 -49.61 42.09
C ALA I 18 -45.69 -48.88 41.20
N VAL I 19 -45.44 -49.34 39.98
CA VAL I 19 -44.39 -48.76 39.16
C VAL I 19 -44.70 -47.32 38.81
N ALA I 20 -43.70 -46.45 38.96
CA ALA I 20 -43.83 -45.00 38.77
C ALA I 20 -44.07 -44.63 37.31
N ILE I 21 -44.82 -43.55 37.10
CA ILE I 21 -45.05 -42.97 35.78
C ILE I 21 -44.37 -41.60 35.71
N PRO I 22 -43.42 -41.39 34.79
CA PRO I 22 -42.81 -40.06 34.64
C PRO I 22 -43.71 -39.05 33.92
N ALA I 23 -43.49 -37.77 34.23
CA ALA I 23 -44.20 -36.67 33.57
C ALA I 23 -43.60 -36.35 32.20
N ILE I 24 -44.48 -36.00 31.25
CA ILE I 24 -44.06 -35.63 29.89
C ILE I 24 -43.34 -34.28 29.87
N THR I 25 -43.83 -33.31 30.65
CA THR I 25 -43.37 -31.93 30.57
C THR I 25 -41.87 -31.80 30.81
N SER I 26 -41.29 -32.71 31.60
CA SER I 26 -39.86 -32.66 31.86
C SER I 26 -39.04 -32.89 30.60
N PHE I 27 -39.42 -33.85 29.76
CA PHE I 27 -38.72 -34.06 28.50
C PHE I 27 -39.08 -33.00 27.45
N GLN I 28 -40.35 -32.59 27.45
CA GLN I 28 -40.79 -31.54 26.53
C GLN I 28 -39.98 -30.25 26.68
N ASP I 29 -39.93 -29.71 27.90
CA ASP I 29 -39.25 -28.44 28.11
C ASP I 29 -37.77 -28.50 27.72
N ASN I 30 -37.08 -29.58 28.11
CA ASN I 30 -35.67 -29.70 27.77
C ASN I 30 -35.41 -29.92 26.29
N ALA I 31 -36.40 -30.34 25.49
CA ALA I 31 -36.22 -30.27 24.03
C ALA I 31 -36.46 -28.86 23.48
N ARG I 32 -37.48 -28.19 23.99
CA ARG I 32 -37.73 -26.80 23.60
C ARG I 32 -36.50 -25.92 23.85
N LYS I 33 -35.80 -26.18 24.96
CA LYS I 33 -34.53 -25.50 25.24
C LYS I 33 -33.49 -25.71 24.15
N SER I 34 -33.53 -26.84 23.44
CA SER I 34 -32.66 -27.03 22.29
C SER I 34 -33.12 -26.25 21.05
N ARG I 35 -34.43 -26.18 20.84
CA ARG I 35 -34.94 -25.45 19.69
C ARG I 35 -34.54 -23.97 19.75
N ILE I 36 -34.78 -23.33 20.90
CA ILE I 36 -34.44 -21.91 21.03
C ILE I 36 -32.97 -21.68 20.75
N GLN I 37 -32.11 -22.53 21.31
CA GLN I 37 -30.66 -22.43 21.17
C GLN I 37 -30.18 -22.67 19.73
N SER I 38 -30.94 -23.39 18.92
CA SER I 38 -30.59 -23.49 17.49
C SER I 38 -31.00 -22.23 16.74
N GLU I 39 -32.26 -21.83 16.88
CA GLU I 39 -32.75 -20.67 16.13
C GLU I 39 -31.91 -19.42 16.42
N HIS I 40 -31.52 -19.21 17.69
CA HIS I 40 -30.65 -18.07 17.99
C HIS I 40 -29.39 -18.07 17.13
N ARG I 41 -28.75 -19.22 17.00
CA ARG I 41 -27.49 -19.30 16.25
C ARG I 41 -27.71 -19.17 14.76
N GLU I 42 -28.94 -19.37 14.28
CA GLU I 42 -29.20 -19.01 12.88
C GLU I 42 -29.40 -17.50 12.69
N LEU I 43 -30.21 -16.88 13.56
CA LEU I 43 -30.42 -15.43 13.47
C LEU I 43 -29.12 -14.64 13.58
N VAL I 44 -28.19 -15.09 14.42
CA VAL I 44 -26.92 -14.38 14.57
C VAL I 44 -26.07 -14.33 13.31
N SER I 45 -26.29 -15.22 12.33
CA SER I 45 -25.65 -15.09 11.03
C SER I 45 -26.54 -14.46 9.96
N ALA I 46 -27.86 -14.56 10.11
CA ALA I 46 -28.74 -13.78 9.24
C ALA I 46 -28.48 -12.29 9.41
N ILE I 47 -28.45 -11.81 10.65
CA ILE I 47 -28.17 -10.41 10.91
C ILE I 47 -26.78 -10.02 10.40
N GLN I 48 -25.80 -10.93 10.50
CA GLN I 48 -24.48 -10.67 9.92
C GLN I 48 -24.56 -10.45 8.42
N SER I 49 -25.40 -11.22 7.73
CA SER I 49 -25.57 -10.99 6.29
C SER I 49 -26.25 -9.66 6.02
N TYR I 50 -27.24 -9.30 6.82
CA TYR I 50 -27.91 -8.02 6.62
C TYR I 50 -26.92 -6.86 6.76
N ILE I 51 -26.14 -6.83 7.84
CA ILE I 51 -25.13 -5.78 7.95
C ILE I 51 -24.10 -5.87 6.83
N GLY I 52 -23.80 -7.09 6.37
CA GLY I 52 -22.92 -7.25 5.22
C GLY I 52 -23.47 -6.70 3.91
N ALA I 53 -24.78 -6.47 3.84
CA ALA I 53 -25.42 -6.15 2.57
C ALA I 53 -26.21 -4.84 2.59
N GLN I 54 -26.33 -4.17 3.73
CA GLN I 54 -26.91 -2.84 3.74
C GLN I 54 -26.10 -1.90 2.84
N ASP I 55 -26.79 -0.90 2.28
CA ASP I 55 -26.25 -0.16 1.14
C ASP I 55 -24.95 0.56 1.48
N ASP I 56 -24.64 0.77 2.75
CA ASP I 56 -23.30 1.13 3.19
C ASP I 56 -22.98 0.24 4.39
N PRO I 57 -22.27 -0.87 4.18
CA PRO I 57 -22.05 -1.82 5.27
C PRO I 57 -21.09 -1.33 6.34
N THR I 58 -20.42 -0.20 6.12
CA THR I 58 -19.47 0.32 7.10
C THR I 58 -20.14 1.09 8.22
N ASN I 59 -21.42 1.44 8.08
CA ASN I 59 -22.15 2.26 9.05
C ASN I 59 -23.48 1.59 9.36
N PRO I 60 -23.53 0.71 10.37
CA PRO I 60 -24.78 0.02 10.69
C PRO I 60 -25.91 1.01 10.98
N SER I 61 -27.11 0.65 10.55
CA SER I 61 -28.25 1.57 10.65
C SER I 61 -29.53 0.78 10.94
N GLU I 62 -30.06 0.96 12.15
CA GLU I 62 -31.45 0.65 12.48
C GLU I 62 -31.83 -0.72 11.91
N ILE I 63 -31.33 -1.77 12.57
CA ILE I 63 -31.77 -3.12 12.26
C ILE I 63 -33.03 -3.43 13.05
N THR I 64 -33.98 -4.09 12.40
CA THR I 64 -35.22 -4.48 13.07
C THR I 64 -35.73 -5.80 12.47
N LEU I 65 -36.40 -6.58 13.32
CA LEU I 65 -36.67 -7.99 13.02
C LEU I 65 -37.56 -8.16 11.78
N ALA I 66 -38.60 -7.33 11.66
CA ALA I 66 -39.50 -7.44 10.51
C ALA I 66 -38.78 -7.25 9.18
N LYS I 67 -37.73 -6.46 9.13
CA LYS I 67 -36.98 -6.23 7.90
C LYS I 67 -35.85 -7.24 7.68
N LEU I 68 -35.49 -8.02 8.71
CA LEU I 68 -34.58 -9.14 8.58
C LEU I 68 -35.24 -10.37 7.97
N ALA I 69 -36.56 -10.36 7.84
CA ALA I 69 -37.34 -11.53 7.42
C ALA I 69 -36.91 -12.22 6.12
N PRO I 70 -36.52 -11.54 5.04
CA PRO I 70 -36.36 -12.25 3.76
C PRO I 70 -35.20 -13.22 3.69
N TYR I 71 -34.38 -13.33 4.73
CA TYR I 71 -33.32 -14.31 4.82
C TYR I 71 -33.77 -15.67 5.36
N MET I 72 -35.02 -15.80 5.79
CA MET I 72 -35.48 -16.97 6.50
C MET I 72 -36.69 -17.59 5.80
N SER I 73 -36.69 -18.92 5.70
CA SER I 73 -37.74 -19.61 4.97
C SER I 73 -39.06 -19.57 5.72
N LYS I 74 -40.13 -19.82 4.97
CA LYS I 74 -41.47 -20.01 5.51
C LYS I 74 -41.54 -21.24 6.42
N ASN I 75 -42.53 -21.24 7.32
CA ASN I 75 -42.81 -22.40 8.14
C ASN I 75 -43.39 -23.55 7.29
N ALA I 76 -43.50 -24.71 7.91
CA ALA I 76 -44.04 -25.91 7.26
C ALA I 76 -45.51 -25.79 6.88
N LYS I 77 -46.21 -24.74 7.29
CA LYS I 77 -47.58 -24.49 6.82
C LYS I 77 -47.66 -23.44 5.72
N ASN I 78 -46.52 -22.93 5.25
CA ASN I 78 -46.47 -21.91 4.19
C ASN I 78 -47.19 -20.63 4.60
N GLU I 79 -47.14 -20.28 5.88
CA GLU I 79 -47.78 -19.07 6.36
C GLU I 79 -46.90 -17.86 6.07
N ASP I 80 -47.41 -16.67 6.38
CA ASP I 80 -47.04 -15.45 5.68
C ASP I 80 -46.14 -14.52 6.49
N GLY I 81 -45.58 -14.99 7.61
CA GLY I 81 -44.64 -14.15 8.35
C GLY I 81 -43.87 -14.88 9.42
N ILE I 82 -42.64 -14.44 9.67
CA ILE I 82 -41.69 -15.22 10.46
C ILE I 82 -42.09 -15.32 11.93
N VAL I 83 -43.00 -14.47 12.42
CA VAL I 83 -43.57 -14.67 13.74
C VAL I 83 -44.33 -15.99 13.82
N ASN I 84 -44.76 -16.52 12.68
CA ASN I 84 -45.34 -17.86 12.63
C ASN I 84 -44.31 -18.97 12.50
N SER I 85 -43.03 -18.64 12.33
CA SER I 85 -41.96 -19.62 12.22
C SER I 85 -41.03 -19.64 13.44
N LEU I 86 -40.55 -18.49 13.88
CA LEU I 86 -39.71 -18.43 15.07
C LEU I 86 -40.47 -18.90 16.30
N ALA I 87 -39.73 -19.47 17.25
CA ALA I 87 -40.29 -20.13 18.41
C ALA I 87 -41.02 -19.14 19.34
N LYS I 88 -41.74 -19.72 20.28
CA LYS I 88 -42.64 -19.02 21.19
C LYS I 88 -42.32 -19.36 22.63
N ASP I 89 -42.35 -18.36 23.51
CA ASP I 89 -41.99 -18.59 24.91
C ASP I 89 -42.75 -17.60 25.79
N LYS I 90 -42.85 -17.95 27.08
CA LYS I 90 -43.42 -17.05 28.07
C LYS I 90 -42.63 -15.75 28.21
N SER I 91 -41.32 -15.79 27.94
CA SER I 91 -40.45 -14.62 28.09
C SER I 91 -40.51 -14.07 29.51
N GLY I 92 -40.22 -14.94 30.48
CA GLY I 92 -40.23 -14.57 31.88
C GLY I 92 -39.32 -13.40 32.21
N GLY I 100 -44.69 -12.34 23.21
CA GLY I 100 -44.52 -13.76 23.42
C GLY I 100 -43.48 -14.39 22.51
N SER I 101 -43.01 -13.63 21.53
CA SER I 101 -41.98 -14.12 20.64
C SER I 101 -40.70 -14.42 21.42
N ALA I 102 -40.17 -15.63 21.22
CA ALA I 102 -38.98 -16.03 21.95
C ALA I 102 -37.74 -15.23 21.55
N HIS I 103 -37.83 -14.44 20.49
CA HIS I 103 -36.75 -13.55 20.09
C HIS I 103 -37.24 -12.11 20.08
N GLN I 104 -36.35 -11.19 20.44
CA GLN I 104 -36.64 -9.75 20.37
C GLN I 104 -35.38 -8.99 20.03
N ILE I 105 -35.55 -7.82 19.40
CA ILE I 105 -34.46 -6.92 19.07
C ILE I 105 -34.66 -5.62 19.82
N ASP I 106 -33.63 -5.18 20.55
CA ASP I 106 -33.62 -3.88 21.23
C ASP I 106 -33.09 -2.82 20.26
N THR I 107 -33.96 -2.43 19.32
CA THR I 107 -33.51 -1.82 18.06
C THR I 107 -32.61 -0.62 18.29
N THR I 108 -33.00 0.28 19.19
CA THR I 108 -32.20 1.47 19.45
C THR I 108 -30.93 1.18 20.24
N ASN I 109 -30.82 0.01 20.88
CA ASN I 109 -29.63 -0.33 21.64
C ASN I 109 -28.81 -1.44 20.96
N HIS I 110 -29.22 -1.88 19.77
CA HIS I 110 -28.40 -2.72 18.91
C HIS I 110 -28.07 -4.07 19.55
N LYS I 111 -29.04 -4.70 20.20
CA LYS I 111 -28.81 -5.99 20.82
C LYS I 111 -29.92 -6.96 20.42
N LEU I 112 -29.54 -8.23 20.24
CA LEU I 112 -30.48 -9.32 20.03
C LEU I 112 -30.54 -10.20 21.27
N ILE I 113 -31.75 -10.51 21.74
CA ILE I 113 -31.95 -11.32 22.94
C ILE I 113 -32.95 -12.46 22.68
N SER I 114 -32.62 -13.65 23.16
CA SER I 114 -33.42 -14.86 23.03
C SER I 114 -33.59 -15.51 24.40
N THR I 115 -34.81 -15.89 24.76
CA THR I 115 -35.13 -16.34 26.11
C THR I 115 -35.80 -17.70 26.12
N PHE I 116 -35.39 -18.56 27.05
CA PHE I 116 -36.07 -19.80 27.42
C PHE I 116 -36.54 -19.73 28.86
N THR I 117 -37.84 -19.92 29.09
CA THR I 117 -38.40 -19.91 30.44
C THR I 117 -38.93 -21.29 30.83
N PRO I 118 -38.39 -21.93 31.87
CA PRO I 118 -38.92 -23.24 32.29
C PRO I 118 -40.36 -23.14 32.78
N SER I 119 -41.06 -24.28 32.73
CA SER I 119 -42.37 -24.40 33.37
C SER I 119 -42.29 -24.59 34.88
N ASN I 120 -41.20 -25.16 35.40
CA ASN I 120 -41.15 -25.63 36.77
C ASN I 120 -40.74 -24.54 37.76
N GLY I 121 -40.54 -23.31 37.29
CA GLY I 121 -40.01 -22.27 38.15
C GLY I 121 -38.51 -22.25 38.30
N GLY I 122 -37.78 -23.09 37.56
CA GLY I 122 -36.35 -22.96 37.51
C GLY I 122 -35.92 -21.67 36.82
N GLN I 123 -34.69 -21.25 37.15
CA GLN I 123 -34.19 -19.98 36.65
C GLN I 123 -34.05 -19.97 35.14
N ALA I 124 -34.43 -18.85 34.53
CA ALA I 124 -34.46 -18.69 33.08
C ALA I 124 -33.07 -18.53 32.48
N THR I 125 -32.97 -18.90 31.20
CA THR I 125 -31.75 -18.77 30.40
C THR I 125 -31.95 -17.70 29.33
N VAL I 126 -31.03 -16.73 29.28
CA VAL I 126 -31.05 -15.66 28.28
C VAL I 126 -29.75 -15.70 27.49
N LEU I 127 -29.85 -15.80 26.16
CA LEU I 127 -28.74 -15.60 25.25
C LEU I 127 -28.75 -14.17 24.70
N THR I 128 -27.59 -13.72 24.21
CA THR I 128 -27.44 -12.36 23.74
C THR I 128 -26.42 -12.28 22.61
N TYR I 129 -26.60 -11.29 21.73
CA TYR I 129 -25.59 -10.90 20.74
C TYR I 129 -25.61 -9.40 20.55
N ASP I 130 -24.46 -8.84 20.16
CA ASP I 130 -24.22 -7.41 20.33
C ASP I 130 -23.17 -6.97 19.32
N TRP I 131 -23.58 -6.19 18.31
CA TRP I 131 -22.72 -5.83 17.19
C TRP I 131 -22.21 -4.40 17.21
N SER I 132 -22.66 -3.55 18.14
CA SER I 132 -22.31 -2.12 18.12
C SER I 132 -20.98 -1.82 18.83
N ALA I 133 -19.90 -2.35 18.27
CA ALA I 133 -18.53 -1.99 18.64
C ALA I 133 -18.18 -2.22 20.10
N ASN I 134 -19.04 -2.90 20.87
CA ASN I 134 -18.72 -3.10 22.29
C ASN I 134 -17.55 -4.06 22.47
N GLY I 135 -17.67 -5.27 21.93
CA GLY I 135 -16.58 -6.21 22.11
C GLY I 135 -16.43 -6.61 23.56
N VAL I 136 -15.24 -7.14 23.88
CA VAL I 136 -14.98 -7.63 25.23
C VAL I 136 -14.28 -6.62 26.13
N ASN I 137 -13.53 -5.66 25.56
CA ASN I 137 -12.98 -4.54 26.33
C ASN I 137 -12.21 -5.01 27.56
N SER I 138 -11.48 -6.11 27.43
CA SER I 138 -10.72 -6.66 28.54
C SER I 138 -9.43 -7.31 28.06
#